data_6KDV
#
_entry.id   6KDV
#
_cell.length_a   116.547
_cell.length_b   201.199
_cell.length_c   77.660
_cell.angle_alpha   90.000
_cell.angle_beta   90.000
_cell.angle_gamma   90.000
#
_symmetry.space_group_name_H-M   'P 21 21 2'
#
loop_
_entity.id
_entity.type
_entity.pdbx_description
1 polymer 'CRISPR-associated endonuclease Cas1 2'
2 polymer "DNA (5'-D(*GP*AP*GP*TP*CP*GP*AP*TP*GP*CP*TP*GP*GP*TP*TP*TP*TP*TP*TP*TP*TP*TP*T)-3')"
3 polymer "DNA (5'-D(*TP*TP*TP*TP*TP*TP*TP*TP*TP*TP*CP*CP*AP*GP*CP*AP*TP*CP*GP*AP*CP*TP*C)-3')"
#
loop_
_entity_poly.entity_id
_entity_poly.type
_entity_poly.pdbx_seq_one_letter_code
_entity_poly.pdbx_strand_id
1 'polypeptide(L)'
;(MSE)PPVSSARNLKELPKFRDGLSYLYVEHAVVEREAGGIGIYDQEGLTLAPVAGLGVLFLGPGTRITHAAVRLLAENG
CTVAWVGEG(MSE)ARFYAQGLGDTRSAARFYRQARAWADPALHLEVV(MSE)RLYR(MSE)RFSEPLPEGLTLEQVRGL
EGVRVRNAYARWSRETGVPWYGRSYDRGNWRAADPVNRALSAGASYLYGLAHAAIVSLGFSPALGFIHTGKLLSFVYDIA
DLYKADYLVPAAFRTVAESEEAVERRVRRALREAIQEGRLLER(MSE)AEDLLNLFRGLGLPEEEDPVEEDPTRPGGLWD
LEGEVEGGVAYGGDDPGEGAEEPEG
;
B,A,D,C
2 'polydeoxyribonucleotide'
;(DG)(DA)(DG)(DT)(DC)(DG)(DA)(DT)(DG)(DC)(DT)(DG)(DG)(DT)(DT)(DT)(DT)(DT)(DT)(DT)
(DT)(DT)(DT)
;
E,G
3 'polydeoxyribonucleotide'
;(DT)(DT)(DT)(DT)(DT)(DT)(DT)(DT)(DT)(DT)(DC)(DC)(DA)(DG)(DC)(DA)(DT)(DC)(DG)(DA)
(DC)(DT)(DC)
;
F,H
#
# COMPACT_ATOMS: atom_id res chain seq x y z
N SER A 21 4.02 -26.01 -16.76
CA SER A 21 4.72 -25.27 -17.81
C SER A 21 4.53 -23.77 -17.63
N TYR A 22 4.44 -23.34 -16.38
CA TYR A 22 4.26 -21.94 -16.06
C TYR A 22 5.56 -21.16 -16.22
N LEU A 23 5.45 -19.83 -16.21
CA LEU A 23 6.58 -18.96 -16.51
C LEU A 23 6.53 -17.78 -15.53
N TYR A 24 7.68 -17.46 -14.95
CA TYR A 24 7.81 -16.35 -14.01
C TYR A 24 8.65 -15.23 -14.63
N VAL A 25 8.09 -14.02 -14.66
CA VAL A 25 8.73 -12.84 -15.23
C VAL A 25 8.79 -11.74 -14.18
N GLU A 26 10.00 -11.22 -13.94
CA GLU A 26 10.20 -10.10 -13.04
C GLU A 26 11.07 -9.05 -13.71
N HIS A 27 10.82 -7.78 -13.38
CA HIS A 27 11.59 -6.65 -13.89
C HIS A 27 11.65 -6.65 -15.42
N ALA A 28 10.46 -6.59 -16.02
CA ALA A 28 10.33 -6.59 -17.47
C ALA A 28 8.99 -6.02 -17.84
N VAL A 29 8.87 -5.60 -19.10
CA VAL A 29 7.60 -5.14 -19.65
C VAL A 29 7.03 -6.29 -20.49
N VAL A 30 5.80 -6.69 -20.17
CA VAL A 30 5.12 -7.75 -20.89
C VAL A 30 4.08 -7.12 -21.79
N GLU A 31 4.23 -7.31 -23.10
CA GLU A 31 3.28 -6.80 -24.08
C GLU A 31 2.99 -7.90 -25.10
N ARG A 32 1.99 -7.64 -25.93
CA ARG A 32 1.67 -8.52 -27.05
C ARG A 32 2.53 -8.12 -28.25
N GLU A 33 3.38 -9.04 -28.69
CA GLU A 33 4.30 -8.80 -29.80
C GLU A 33 4.16 -9.93 -30.82
N ALA A 34 3.75 -9.58 -32.04
CA ALA A 34 3.65 -10.51 -33.16
C ALA A 34 2.69 -11.67 -32.84
N GLY A 35 1.48 -11.31 -32.41
CA GLY A 35 0.48 -12.30 -32.07
C GLY A 35 0.89 -13.25 -30.96
N GLY A 36 1.88 -12.88 -30.17
CA GLY A 36 2.32 -13.68 -29.04
C GLY A 36 2.70 -12.79 -27.89
N ILE A 37 3.33 -13.35 -26.84
CA ILE A 37 3.77 -12.57 -25.71
C ILE A 37 5.23 -12.19 -25.90
N GLY A 38 5.56 -10.94 -25.61
CA GLY A 38 6.93 -10.47 -25.63
C GLY A 38 7.33 -9.81 -24.33
N ILE A 39 8.44 -10.25 -23.73
CA ILE A 39 8.91 -9.72 -22.46
C ILE A 39 10.20 -8.95 -22.73
N TYR A 40 10.13 -7.63 -22.54
CA TYR A 40 11.24 -6.71 -22.78
C TYR A 40 11.96 -6.42 -21.47
N ASP A 41 13.20 -6.90 -21.35
CA ASP A 41 14.08 -6.54 -20.24
C ASP A 41 15.41 -6.05 -20.80
N GLN A 42 16.42 -5.90 -19.94
CA GLN A 42 17.72 -5.43 -20.39
C GLN A 42 18.39 -6.40 -21.35
N GLU A 43 18.03 -7.68 -21.32
CA GLU A 43 18.58 -8.66 -22.24
C GLU A 43 18.03 -8.55 -23.65
N GLY A 44 17.02 -7.70 -23.86
CA GLY A 44 16.46 -7.53 -25.18
C GLY A 44 14.99 -7.88 -25.21
N LEU A 45 14.60 -8.73 -26.16
CA LEU A 45 13.22 -9.18 -26.30
C LEU A 45 13.19 -10.70 -26.31
N THR A 46 12.44 -11.29 -25.39
CA THR A 46 12.24 -12.72 -25.35
C THR A 46 10.79 -13.01 -25.74
N LEU A 47 10.61 -13.87 -26.71
CA LEU A 47 9.29 -14.26 -27.18
C LEU A 47 8.94 -15.63 -26.62
N ALA A 48 7.74 -15.76 -26.08
CA ALA A 48 7.30 -17.03 -25.53
C ALA A 48 6.03 -17.49 -26.21
N PRO A 49 5.98 -18.72 -26.73
CA PRO A 49 4.73 -19.23 -27.31
C PRO A 49 3.71 -19.45 -26.21
N VAL A 50 2.54 -18.82 -26.39
CA VAL A 50 1.48 -18.87 -25.38
C VAL A 50 0.75 -20.21 -25.35
N ALA A 51 1.04 -21.12 -26.28
CA ALA A 51 0.34 -22.39 -26.34
C ALA A 51 0.39 -23.12 -25.00
N GLY A 52 1.58 -23.54 -24.56
CA GLY A 52 1.67 -24.16 -23.25
C GLY A 52 2.25 -23.22 -22.21
N LEU A 53 1.37 -22.44 -21.56
CA LEU A 53 1.81 -21.60 -20.45
C LEU A 53 1.10 -21.91 -19.15
N GLY A 54 -0.23 -21.98 -19.16
CA GLY A 54 -0.99 -22.24 -17.95
C GLY A 54 -1.06 -21.03 -17.04
N VAL A 55 0.06 -20.64 -16.44
CA VAL A 55 0.13 -19.49 -15.55
C VAL A 55 1.27 -18.61 -16.01
N LEU A 56 1.04 -17.30 -16.01
CA LEU A 56 2.07 -16.31 -16.23
C LEU A 56 2.23 -15.52 -14.94
N PHE A 57 3.34 -15.77 -14.23
CA PHE A 57 3.58 -15.19 -12.91
C PHE A 57 4.33 -13.87 -13.05
N LEU A 58 3.73 -12.80 -12.55
CA LEU A 58 4.33 -11.47 -12.63
C LEU A 58 4.92 -11.09 -11.27
N GLY A 59 6.24 -11.03 -11.20
CA GLY A 59 6.94 -10.58 -10.03
C GLY A 59 6.99 -9.07 -9.94
N PRO A 60 7.71 -8.54 -8.96
CA PRO A 60 7.73 -7.10 -8.76
C PRO A 60 8.51 -6.38 -9.85
N GLY A 61 8.20 -5.09 -9.99
CA GLY A 61 8.78 -4.27 -11.04
C GLY A 61 8.35 -4.66 -12.44
N THR A 62 7.09 -5.05 -12.60
CA THR A 62 6.58 -5.59 -13.85
C THR A 62 5.36 -4.80 -14.29
N ARG A 63 5.30 -4.45 -15.57
CA ARG A 63 4.12 -3.87 -16.17
C ARG A 63 3.66 -4.71 -17.34
N ILE A 64 2.34 -4.90 -17.44
CA ILE A 64 1.73 -5.69 -18.51
C ILE A 64 0.69 -4.84 -19.22
N THR A 65 0.46 -5.16 -20.49
CA THR A 65 -0.44 -4.39 -21.34
C THR A 65 -1.80 -5.07 -21.44
N HIS A 66 -2.83 -4.26 -21.69
CA HIS A 66 -4.17 -4.78 -21.89
C HIS A 66 -4.21 -5.87 -22.93
N ALA A 67 -3.45 -5.72 -24.01
CA ALA A 67 -3.45 -6.72 -25.08
C ALA A 67 -2.85 -8.04 -24.61
N ALA A 68 -1.79 -7.98 -23.80
CA ALA A 68 -1.18 -9.22 -23.30
C ALA A 68 -2.15 -9.98 -22.41
N VAL A 69 -2.83 -9.28 -21.50
CA VAL A 69 -3.77 -9.94 -20.61
C VAL A 69 -4.96 -10.46 -21.41
N ARG A 70 -5.41 -9.71 -22.41
CA ARG A 70 -6.48 -10.18 -23.28
C ARG A 70 -6.09 -11.47 -23.99
N LEU A 71 -4.92 -11.51 -24.61
CA LEU A 71 -4.48 -12.70 -25.33
C LEU A 71 -4.36 -13.89 -24.39
N LEU A 72 -3.77 -13.68 -23.21
CA LEU A 72 -3.60 -14.78 -22.27
C LEU A 72 -4.96 -15.30 -21.79
N ALA A 73 -5.89 -14.41 -21.46
CA ALA A 73 -7.22 -14.84 -21.05
C ALA A 73 -7.93 -15.59 -22.16
N GLU A 74 -7.79 -15.13 -23.41
CA GLU A 74 -8.42 -15.81 -24.54
C GLU A 74 -7.83 -17.20 -24.77
N ASN A 75 -6.55 -17.38 -24.49
CA ASN A 75 -5.92 -18.69 -24.64
C ASN A 75 -6.10 -19.57 -23.40
N GLY A 76 -6.97 -19.18 -22.48
CA GLY A 76 -7.22 -19.96 -21.28
C GLY A 76 -6.05 -19.94 -20.32
N CYS A 77 -5.24 -18.90 -20.36
CA CYS A 77 -4.13 -18.72 -19.46
C CYS A 77 -4.54 -17.78 -18.33
N THR A 78 -3.99 -18.01 -17.14
CA THR A 78 -4.21 -17.12 -16.02
C THR A 78 -2.94 -16.33 -15.74
N VAL A 79 -3.12 -15.11 -15.25
CA VAL A 79 -2.03 -14.26 -14.82
C VAL A 79 -2.09 -14.17 -13.31
N ALA A 80 -0.98 -14.44 -12.65
CA ALA A 80 -0.89 -14.43 -11.19
C ALA A 80 0.21 -13.46 -10.77
N TRP A 81 -0.19 -12.34 -10.18
CA TRP A 81 0.75 -11.40 -9.60
C TRP A 81 1.22 -11.87 -8.23
N VAL A 82 2.48 -12.23 -8.10
CA VAL A 82 2.99 -12.67 -6.84
C VAL A 82 3.93 -11.61 -6.36
N GLY A 83 4.09 -11.47 -5.06
CA GLY A 83 4.94 -10.39 -4.61
C GLY A 83 6.06 -10.56 -3.64
N GLU A 84 6.41 -9.43 -3.06
CA GLU A 84 7.47 -9.33 -2.07
C GLU A 84 6.77 -9.14 -0.76
N GLY A 85 5.86 -10.05 -0.47
CA GLY A 85 5.06 -9.93 0.73
C GLY A 85 3.93 -9.06 0.29
N ALA A 87 -0.53 -9.48 -1.27
CA ALA A 87 -1.68 -10.32 -1.37
C ALA A 87 -1.57 -11.14 -2.62
N ARG A 88 -2.64 -11.81 -2.95
CA ARG A 88 -2.61 -12.62 -4.11
C ARG A 88 -3.59 -12.06 -5.06
N PHE A 89 -3.14 -11.77 -6.26
CA PHE A 89 -4.03 -11.28 -7.30
C PHE A 89 -3.95 -12.20 -8.51
N TYR A 90 -5.10 -12.62 -9.02
CA TYR A 90 -5.17 -13.50 -10.18
C TYR A 90 -5.99 -12.87 -11.28
N ALA A 91 -5.48 -12.89 -12.51
CA ALA A 91 -6.26 -12.46 -13.65
C ALA A 91 -6.95 -13.70 -14.20
N GLN A 92 -8.23 -13.57 -14.50
CA GLN A 92 -9.09 -14.69 -14.82
C GLN A 92 -9.65 -14.52 -16.22
N GLY A 93 -9.60 -15.57 -17.01
CA GLY A 93 -10.16 -15.56 -18.35
C GLY A 93 -11.58 -16.08 -18.40
N LEU A 94 -11.89 -16.78 -19.48
CA LEU A 94 -13.23 -17.30 -19.70
C LEU A 94 -13.24 -18.82 -19.83
N GLY A 95 -12.06 -19.44 -19.81
CA GLY A 95 -11.91 -20.88 -19.87
C GLY A 95 -11.83 -21.40 -21.30
N ASP A 96 -11.28 -22.60 -21.42
CA ASP A 96 -11.17 -23.27 -22.70
C ASP A 96 -12.46 -23.97 -23.11
N THR A 97 -13.37 -24.22 -22.18
CA THR A 97 -14.61 -24.90 -22.49
C THR A 97 -15.64 -23.91 -22.99
N ARG A 98 -16.35 -24.29 -24.05
CA ARG A 98 -17.22 -23.35 -24.75
C ARG A 98 -18.40 -22.93 -23.87
N SER A 99 -19.11 -23.91 -23.31
CA SER A 99 -20.19 -23.65 -22.37
C SER A 99 -20.20 -24.83 -21.41
N ALA A 100 -19.59 -24.64 -20.24
CA ALA A 100 -19.18 -25.76 -19.42
C ALA A 100 -20.37 -26.42 -18.74
N ALA A 101 -20.54 -27.72 -19.00
CA ALA A 101 -21.44 -28.55 -18.22
C ALA A 101 -20.80 -28.88 -16.88
N ARG A 102 -19.47 -28.98 -16.87
CA ARG A 102 -18.71 -29.24 -15.65
C ARG A 102 -19.08 -28.24 -14.55
N PHE A 103 -19.28 -26.98 -14.92
CA PHE A 103 -19.68 -26.00 -13.92
C PHE A 103 -21.09 -26.28 -13.38
N TYR A 104 -22.01 -26.70 -14.24
CA TYR A 104 -23.34 -27.04 -13.75
C TYR A 104 -23.27 -28.23 -12.80
N ARG A 105 -22.41 -29.20 -13.08
CA ARG A 105 -22.21 -30.31 -12.16
C ARG A 105 -21.62 -29.82 -10.84
N GLN A 106 -20.65 -28.90 -10.92
CA GLN A 106 -20.07 -28.35 -9.69
C GLN A 106 -21.11 -27.64 -8.84
N ALA A 107 -21.98 -26.85 -9.49
CA ALA A 107 -23.01 -26.14 -8.74
C ALA A 107 -24.02 -27.09 -8.12
N ARG A 108 -24.43 -28.12 -8.87
CA ARG A 108 -25.39 -29.09 -8.32
C ARG A 108 -24.77 -29.86 -7.15
N ALA A 109 -23.50 -30.28 -7.27
CA ALA A 109 -22.83 -30.94 -6.16
C ALA A 109 -22.69 -30.01 -4.96
N TRP A 110 -22.38 -28.74 -5.21
CA TRP A 110 -22.17 -27.79 -4.12
C TRP A 110 -23.47 -27.45 -3.40
N ALA A 111 -24.59 -27.44 -4.12
CA ALA A 111 -25.85 -26.96 -3.56
C ALA A 111 -26.66 -28.05 -2.86
N ASP A 112 -26.34 -29.33 -3.08
CA ASP A 112 -27.08 -30.41 -2.46
C ASP A 112 -26.29 -30.93 -1.28
N PRO A 113 -26.82 -30.84 -0.05
CA PRO A 113 -26.00 -31.15 1.14
C PRO A 113 -25.34 -32.52 1.13
N ALA A 114 -26.04 -33.56 0.67
CA ALA A 114 -25.45 -34.89 0.64
C ALA A 114 -24.29 -34.95 -0.35
N LEU A 115 -24.53 -34.49 -1.58
CA LEU A 115 -23.47 -34.46 -2.58
C LEU A 115 -22.34 -33.54 -2.14
N HIS A 116 -22.67 -32.42 -1.49
CA HIS A 116 -21.65 -31.53 -0.93
C HIS A 116 -20.74 -32.28 0.03
N LEU A 117 -21.34 -32.99 1.01
CA LEU A 117 -20.56 -33.77 1.96
C LEU A 117 -19.72 -34.83 1.26
N GLU A 118 -20.28 -35.46 0.22
CA GLU A 118 -19.52 -36.45 -0.53
C GLU A 118 -18.30 -35.83 -1.19
N VAL A 119 -18.44 -34.64 -1.76
CA VAL A 119 -17.30 -33.98 -2.37
C VAL A 119 -16.27 -33.59 -1.32
N VAL A 120 -16.74 -33.19 -0.14
CA VAL A 120 -15.81 -32.85 0.95
C VAL A 120 -15.01 -34.09 1.35
N ARG A 122 -14.40 -36.68 -0.52
CA ARG A 122 -13.49 -36.93 -1.63
C ARG A 122 -12.22 -36.09 -1.52
N LEU A 123 -12.41 -34.79 -1.26
CA LEU A 123 -11.28 -33.87 -1.21
C LEU A 123 -10.35 -34.19 -0.05
N TYR A 124 -10.91 -34.56 1.11
CA TYR A 124 -10.06 -34.93 2.24
C TYR A 124 -9.33 -36.25 1.97
N ARG A 125 -10.06 -37.25 1.45
CA ARG A 125 -9.47 -38.57 1.27
C ARG A 125 -8.38 -38.60 0.20
N ARG A 127 -5.94 -36.82 -0.27
CA ARG A 127 -4.66 -36.29 0.18
C ARG A 127 -3.74 -37.36 0.77
N PHE A 128 -4.21 -38.59 0.93
CA PHE A 128 -3.41 -39.65 1.53
C PHE A 128 -2.77 -40.50 0.44
N SER A 129 -1.47 -40.77 0.59
CA SER A 129 -0.78 -41.62 -0.36
C SER A 129 -1.37 -43.02 -0.39
N GLU A 130 -1.30 -43.72 0.74
CA GLU A 130 -1.94 -45.02 0.86
C GLU A 130 -3.45 -44.84 0.93
N PRO A 131 -4.22 -45.41 -0.01
CA PRO A 131 -5.67 -45.23 0.03
C PRO A 131 -6.26 -45.80 1.31
N LEU A 132 -7.35 -45.18 1.75
CA LEU A 132 -8.01 -45.50 3.00
C LEU A 132 -9.10 -46.52 2.79
N PRO A 133 -9.60 -47.15 3.85
CA PRO A 133 -10.72 -48.08 3.70
C PRO A 133 -12.03 -47.33 3.51
N GLU A 134 -13.07 -48.10 3.18
CA GLU A 134 -14.38 -47.52 2.94
C GLU A 134 -15.06 -47.14 4.25
N GLY A 135 -15.06 -48.06 5.22
CA GLY A 135 -15.60 -47.73 6.52
C GLY A 135 -14.62 -46.82 7.24
N LEU A 136 -14.96 -45.54 7.33
CA LEU A 136 -14.09 -44.55 7.94
C LEU A 136 -14.98 -43.37 8.31
N THR A 137 -15.21 -43.19 9.61
CA THR A 137 -16.18 -42.21 10.08
C THR A 137 -15.80 -40.81 9.64
N LEU A 138 -16.81 -40.02 9.28
CA LEU A 138 -16.58 -38.63 8.92
C LEU A 138 -16.19 -37.83 10.15
N GLU A 139 -15.46 -36.73 9.91
CA GLU A 139 -14.92 -35.84 10.94
C GLU A 139 -13.77 -36.51 11.69
N GLN A 140 -13.58 -37.82 11.46
CA GLN A 140 -12.36 -38.47 11.89
C GLN A 140 -11.27 -38.27 10.85
N VAL A 141 -11.63 -38.42 9.58
CA VAL A 141 -10.70 -38.14 8.49
C VAL A 141 -10.19 -36.70 8.56
N ARG A 142 -11.05 -35.79 8.96
CA ARG A 142 -10.65 -34.41 9.03
C ARG A 142 -9.68 -34.19 10.17
N GLY A 143 -9.51 -35.19 11.00
CA GLY A 143 -8.59 -35.10 12.09
C GLY A 143 -7.38 -35.91 11.78
N LEU A 144 -7.54 -36.91 10.93
CA LEU A 144 -6.45 -37.77 10.54
C LEU A 144 -5.55 -37.05 9.61
N GLU A 145 -6.14 -36.17 8.81
CA GLU A 145 -5.38 -35.37 7.87
C GLU A 145 -4.38 -34.63 8.67
N GLY A 146 -4.83 -33.91 9.69
CA GLY A 146 -3.95 -33.18 10.59
C GLY A 146 -2.71 -33.89 11.07
N VAL A 147 -2.78 -35.17 11.41
CA VAL A 147 -1.58 -35.83 11.85
C VAL A 147 -0.67 -36.13 10.68
N ARG A 148 -1.22 -36.31 9.50
CA ARG A 148 -0.37 -36.61 8.37
C ARG A 148 0.51 -35.45 8.12
N VAL A 149 -0.14 -34.32 7.99
CA VAL A 149 0.51 -33.06 7.75
C VAL A 149 1.60 -32.87 8.75
N ARG A 150 1.24 -32.92 10.01
CA ARG A 150 2.22 -32.73 11.07
C ARG A 150 3.36 -33.73 10.96
N ASN A 151 3.03 -34.99 10.66
CA ASN A 151 4.09 -36.00 10.54
C ASN A 151 4.90 -35.81 9.27
N ALA A 152 4.34 -35.19 8.23
CA ALA A 152 5.14 -34.86 7.06
C ALA A 152 6.11 -33.73 7.36
N TYR A 153 5.63 -32.68 8.04
CA TYR A 153 6.52 -31.64 8.53
C TYR A 153 7.67 -32.24 9.34
N ALA A 154 7.33 -33.11 10.30
CA ALA A 154 8.35 -33.72 11.14
C ALA A 154 9.28 -34.61 10.32
N ARG A 155 8.74 -35.38 9.39
CA ARG A 155 9.55 -36.26 8.55
C ARG A 155 10.60 -35.48 7.79
N TRP A 156 10.20 -34.39 7.13
CA TRP A 156 11.20 -33.66 6.35
C TRP A 156 12.10 -32.77 7.20
N SER A 157 11.65 -32.36 8.40
CA SER A 157 12.56 -31.69 9.31
C SER A 157 13.64 -32.64 9.82
N ARG A 158 13.27 -33.89 10.10
CA ARG A 158 14.26 -34.88 10.50
C ARG A 158 15.14 -35.30 9.32
N GLU A 159 14.58 -35.31 8.12
CA GLU A 159 15.33 -35.73 6.93
C GLU A 159 16.38 -34.69 6.57
N THR A 160 15.95 -33.46 6.27
CA THR A 160 16.89 -32.44 5.81
C THR A 160 17.83 -32.02 6.94
N GLY A 161 17.27 -31.66 8.08
CA GLY A 161 18.06 -31.21 9.21
C GLY A 161 17.61 -29.86 9.71
N VAL A 162 16.61 -29.29 9.05
CA VAL A 162 16.12 -27.96 9.43
C VAL A 162 15.08 -28.12 10.54
N PRO A 163 15.22 -27.38 11.64
CA PRO A 163 14.19 -27.45 12.69
C PRO A 163 12.90 -26.82 12.22
N TRP A 164 11.79 -27.36 12.73
CA TRP A 164 10.46 -26.97 12.24
C TRP A 164 9.79 -25.89 13.10
N TYR A 165 9.57 -26.17 14.39
CA TYR A 165 8.92 -25.23 15.32
C TYR A 165 7.48 -24.91 14.93
N GLY A 166 6.96 -25.54 13.89
CA GLY A 166 5.60 -25.31 13.46
C GLY A 166 5.46 -24.19 12.44
N ARG A 167 4.32 -24.17 11.78
CA ARG A 167 4.01 -23.13 10.82
C ARG A 167 3.82 -21.79 11.53
N SER A 168 3.91 -20.71 10.76
CA SER A 168 3.83 -19.36 11.31
C SER A 168 2.42 -18.92 11.67
N TYR A 169 1.42 -19.78 11.47
CA TYR A 169 0.03 -19.42 11.71
C TYR A 169 -0.46 -20.13 12.98
N ASP A 170 -1.02 -19.39 13.91
CA ASP A 170 -1.49 -20.00 15.14
C ASP A 170 -2.47 -19.06 15.79
N ARG A 171 -2.40 -18.93 17.10
CA ARG A 171 -3.22 -18.00 17.80
C ARG A 171 -2.34 -17.50 18.92
N GLY A 172 -2.36 -16.20 19.15
CA GLY A 172 -1.57 -15.62 20.21
C GLY A 172 -0.10 -15.48 19.93
N ASN A 173 0.29 -15.64 18.68
CA ASN A 173 1.69 -15.56 18.36
C ASN A 173 1.88 -14.88 17.04
N TRP A 174 2.84 -13.97 17.02
CA TRP A 174 3.25 -13.28 15.83
C TRP A 174 4.71 -13.54 15.76
N ARG A 175 5.05 -14.81 15.76
CA ARG A 175 6.40 -15.29 15.81
C ARG A 175 6.82 -15.07 14.40
N ALA A 176 8.05 -14.60 14.27
CA ALA A 176 8.61 -14.24 13.01
C ALA A 176 8.72 -15.40 12.13
N ALA A 177 8.46 -15.18 10.87
CA ALA A 177 8.56 -16.27 9.90
C ALA A 177 10.01 -16.72 9.74
N ASP A 178 10.28 -17.98 10.12
CA ASP A 178 11.57 -18.59 9.87
C ASP A 178 11.68 -18.98 8.40
N PRO A 179 12.91 -19.17 7.89
CA PRO A 179 13.08 -19.41 6.44
C PRO A 179 12.20 -20.51 5.86
N VAL A 180 12.01 -21.62 6.58
CA VAL A 180 11.18 -22.70 6.06
C VAL A 180 9.74 -22.22 5.86
N ASN A 181 9.25 -21.40 6.78
CA ASN A 181 7.91 -20.86 6.65
C ASN A 181 7.79 -19.96 5.43
N ARG A 182 8.80 -19.13 5.18
CA ARG A 182 8.78 -18.24 4.03
C ARG A 182 8.81 -19.03 2.72
N ALA A 183 9.64 -20.08 2.67
CA ALA A 183 9.65 -20.95 1.50
C ALA A 183 8.29 -21.61 1.29
N LEU A 184 7.69 -22.11 2.37
CA LEU A 184 6.35 -22.70 2.31
C LEU A 184 5.36 -21.72 1.70
N SER A 185 5.38 -20.46 2.16
CA SER A 185 4.40 -19.49 1.70
C SER A 185 4.61 -19.13 0.23
N ALA A 186 5.86 -18.94 -0.21
CA ALA A 186 6.13 -18.64 -1.62
C ALA A 186 5.66 -19.78 -2.52
N GLY A 187 6.10 -21.00 -2.21
CA GLY A 187 5.66 -22.14 -2.99
C GLY A 187 4.14 -22.30 -2.97
N ALA A 188 3.52 -21.98 -1.84
CA ALA A 188 2.06 -22.02 -1.76
C ALA A 188 1.44 -21.02 -2.73
N SER A 189 2.02 -19.83 -2.85
CA SER A 189 1.50 -18.85 -3.80
C SER A 189 1.55 -19.40 -5.23
N TYR A 190 2.68 -20.00 -5.60
CA TYR A 190 2.77 -20.58 -6.95
C TYR A 190 1.79 -21.74 -7.14
N LEU A 191 1.69 -22.63 -6.15
CA LEU A 191 0.76 -23.76 -6.24
C LEU A 191 -0.68 -23.28 -6.38
N TYR A 192 -1.04 -22.21 -5.66
CA TYR A 192 -2.37 -21.65 -5.80
C TYR A 192 -2.58 -21.10 -7.20
N GLY A 193 -1.54 -20.48 -7.77
CA GLY A 193 -1.65 -20.01 -9.15
C GLY A 193 -1.96 -21.14 -10.11
N LEU A 194 -1.22 -22.25 -10.01
CA LEU A 194 -1.49 -23.39 -10.88
C LEU A 194 -2.88 -23.98 -10.63
N ALA A 195 -3.31 -24.02 -9.37
CA ALA A 195 -4.65 -24.53 -9.08
C ALA A 195 -5.72 -23.69 -9.76
N HIS A 196 -5.61 -22.36 -9.65
CA HIS A 196 -6.51 -21.47 -10.36
C HIS A 196 -6.47 -21.72 -11.85
N ALA A 197 -5.26 -21.89 -12.40
CA ALA A 197 -5.12 -22.15 -13.83
C ALA A 197 -5.95 -23.35 -14.26
N ALA A 198 -5.70 -24.51 -13.62
CA ALA A 198 -6.41 -25.71 -14.04
C ALA A 198 -7.92 -25.58 -13.81
N ILE A 199 -8.32 -24.97 -12.70
CA ILE A 199 -9.74 -24.86 -12.38
C ILE A 199 -10.47 -24.06 -13.45
N VAL A 200 -9.96 -22.87 -13.77
CA VAL A 200 -10.68 -22.02 -14.72
C VAL A 200 -10.43 -22.45 -16.16
N SER A 201 -9.34 -23.17 -16.45
CA SER A 201 -9.11 -23.66 -17.80
C SER A 201 -9.94 -24.88 -18.13
N LEU A 202 -10.37 -25.65 -17.13
CA LEU A 202 -11.27 -26.77 -17.37
C LEU A 202 -12.73 -26.37 -17.30
N GLY A 203 -13.04 -25.12 -17.00
CA GLY A 203 -14.41 -24.65 -16.99
C GLY A 203 -15.12 -24.72 -15.65
N PHE A 204 -14.38 -24.85 -14.55
CA PHE A 204 -14.98 -24.83 -13.23
C PHE A 204 -14.97 -23.42 -12.66
N SER A 205 -15.57 -23.25 -11.49
CA SER A 205 -15.58 -21.97 -10.79
C SER A 205 -14.70 -22.03 -9.56
N PRO A 206 -13.85 -21.03 -9.34
CA PRO A 206 -13.09 -20.98 -8.08
C PRO A 206 -13.94 -20.63 -6.89
N ALA A 207 -15.14 -20.06 -7.08
CA ALA A 207 -15.93 -19.58 -5.95
C ALA A 207 -16.68 -20.69 -5.23
N LEU A 208 -17.05 -21.75 -5.95
CA LEU A 208 -17.77 -22.88 -5.36
C LEU A 208 -16.78 -23.73 -4.57
N GLY A 209 -16.48 -23.26 -3.36
CA GLY A 209 -15.61 -24.00 -2.45
C GLY A 209 -16.39 -25.04 -1.65
N PHE A 210 -15.75 -26.18 -1.41
CA PHE A 210 -16.33 -27.27 -0.63
C PHE A 210 -15.79 -27.37 0.78
N ILE A 211 -14.47 -27.23 0.96
CA ILE A 211 -13.87 -27.10 2.29
C ILE A 211 -13.65 -25.66 2.67
N HIS A 212 -13.04 -24.87 1.79
CA HIS A 212 -12.92 -23.44 2.00
C HIS A 212 -14.18 -22.77 1.46
N THR A 213 -14.70 -21.80 2.21
CA THR A 213 -15.98 -21.21 1.84
C THR A 213 -16.01 -19.73 2.18
N GLY A 214 -16.65 -18.95 1.32
CA GLY A 214 -16.87 -17.54 1.53
C GLY A 214 -16.17 -16.62 0.55
N LYS A 215 -15.10 -17.11 -0.08
CA LYS A 215 -14.32 -16.32 -1.02
C LYS A 215 -14.54 -16.82 -2.45
N LEU A 216 -14.36 -15.91 -3.40
CA LEU A 216 -14.52 -16.23 -4.82
C LEU A 216 -13.41 -17.11 -5.37
N LEU A 217 -12.39 -17.43 -4.58
CA LEU A 217 -11.32 -18.31 -5.02
C LEU A 217 -11.10 -19.51 -4.09
N SER A 218 -12.11 -19.86 -3.28
CA SER A 218 -11.97 -20.91 -2.28
C SER A 218 -11.58 -22.26 -2.90
N PHE A 219 -12.24 -22.62 -4.01
CA PHE A 219 -11.97 -23.91 -4.64
C PHE A 219 -10.50 -24.05 -5.03
N VAL A 220 -9.82 -22.93 -5.30
CA VAL A 220 -8.39 -22.96 -5.59
C VAL A 220 -7.63 -23.61 -4.43
N TYR A 221 -7.91 -23.14 -3.21
CA TYR A 221 -7.26 -23.72 -2.04
C TYR A 221 -7.68 -25.17 -1.84
N ASP A 222 -8.98 -25.45 -2.06
CA ASP A 222 -9.45 -26.84 -1.99
C ASP A 222 -8.61 -27.76 -2.86
N ILE A 223 -8.29 -27.32 -4.07
CA ILE A 223 -7.53 -28.16 -4.99
C ILE A 223 -6.05 -28.20 -4.61
N ALA A 224 -5.48 -27.05 -4.23
CA ALA A 224 -4.05 -26.98 -3.92
C ALA A 224 -3.68 -27.83 -2.72
N ASP A 225 -4.58 -27.94 -1.74
CA ASP A 225 -4.29 -28.76 -0.56
C ASP A 225 -3.99 -30.21 -0.92
N LEU A 226 -4.52 -30.70 -2.05
CA LEU A 226 -4.28 -32.08 -2.45
C LEU A 226 -2.83 -32.33 -2.82
N TYR A 227 -2.06 -31.29 -3.15
CA TYR A 227 -0.69 -31.46 -3.61
C TYR A 227 0.31 -30.69 -2.76
N LYS A 228 -0.16 -29.93 -1.77
CA LYS A 228 0.78 -29.23 -0.89
C LYS A 228 1.78 -30.20 -0.28
N ALA A 229 1.29 -31.22 0.42
CA ALA A 229 2.20 -32.12 1.13
C ALA A 229 3.02 -32.97 0.18
N ASP A 230 2.57 -33.15 -1.06
CA ASP A 230 3.30 -34.00 -2.00
C ASP A 230 4.44 -33.24 -2.68
N TYR A 231 4.25 -31.95 -2.98
CA TYR A 231 5.24 -31.20 -3.74
C TYR A 231 5.88 -30.05 -2.98
N LEU A 232 5.09 -29.26 -2.25
CA LEU A 232 5.60 -28.03 -1.63
C LEU A 232 6.56 -28.32 -0.49
N VAL A 233 6.12 -29.12 0.50
CA VAL A 233 6.93 -29.33 1.69
C VAL A 233 8.33 -29.86 1.37
N PRO A 234 8.51 -30.89 0.55
CA PRO A 234 9.88 -31.34 0.27
C PRO A 234 10.72 -30.28 -0.40
N ALA A 235 10.13 -29.51 -1.33
CA ALA A 235 10.88 -28.47 -2.01
C ALA A 235 11.34 -27.40 -1.04
N ALA A 236 10.43 -26.95 -0.16
CA ALA A 236 10.77 -25.91 0.81
C ALA A 236 11.86 -26.39 1.77
N PHE A 237 11.70 -27.60 2.30
CA PHE A 237 12.69 -28.09 3.26
C PHE A 237 14.04 -28.31 2.60
N ARG A 238 14.07 -28.85 1.37
CA ARG A 238 15.34 -29.05 0.71
C ARG A 238 16.00 -27.73 0.33
N THR A 239 15.19 -26.70 0.06
CA THR A 239 15.76 -25.39 -0.27
C THR A 239 16.32 -24.70 0.95
N VAL A 240 15.62 -24.78 2.09
CA VAL A 240 16.13 -24.15 3.31
C VAL A 240 17.31 -24.93 3.89
N ALA A 241 17.38 -26.24 3.66
CA ALA A 241 18.53 -27.00 4.16
C ALA A 241 19.84 -26.54 3.54
N GLU A 242 19.81 -26.06 2.30
CA GLU A 242 21.03 -25.57 1.67
C GLU A 242 21.25 -24.06 1.79
N SER A 243 20.19 -23.26 1.85
CA SER A 243 20.33 -21.83 1.59
C SER A 243 20.14 -20.97 2.84
N GLU A 244 18.95 -20.96 3.38
CA GLU A 244 18.56 -20.03 4.45
C GLU A 244 18.76 -18.59 3.97
N GLU A 245 19.24 -18.43 2.74
CA GLU A 245 19.38 -17.13 2.12
C GLU A 245 18.75 -17.25 0.75
N ALA A 246 17.98 -16.25 0.36
CA ALA A 246 17.32 -16.18 -0.95
C ALA A 246 16.43 -17.34 -1.28
N VAL A 247 15.70 -17.83 -0.29
CA VAL A 247 14.80 -18.94 -0.49
C VAL A 247 13.62 -18.73 -1.40
N GLU A 248 13.04 -17.56 -1.33
CA GLU A 248 11.86 -17.25 -2.10
C GLU A 248 12.04 -17.49 -3.58
N ARG A 249 13.25 -17.48 -4.06
CA ARG A 249 13.50 -17.78 -5.45
C ARG A 249 13.90 -19.23 -5.69
N ARG A 250 14.77 -19.78 -4.83
CA ARG A 250 15.22 -21.15 -5.01
C ARG A 250 14.09 -22.14 -4.78
N VAL A 251 13.14 -21.80 -3.89
CA VAL A 251 11.97 -22.64 -3.73
C VAL A 251 11.14 -22.66 -5.01
N ARG A 252 11.10 -21.54 -5.74
CA ARG A 252 10.38 -21.52 -7.00
C ARG A 252 11.02 -22.46 -8.00
N ARG A 253 12.36 -22.47 -8.04
CA ARG A 253 13.07 -23.38 -8.93
C ARG A 253 12.79 -24.84 -8.56
N ALA A 254 12.95 -25.17 -7.27
CA ALA A 254 12.73 -26.54 -6.84
C ALA A 254 11.30 -27.00 -7.09
N LEU A 255 10.32 -26.10 -6.89
CA LEU A 255 8.93 -26.46 -7.12
C LEU A 255 8.66 -26.62 -8.61
N ARG A 256 9.29 -25.77 -9.43
CA ARG A 256 9.21 -25.93 -10.88
C ARG A 256 9.72 -27.29 -11.31
N GLU A 257 10.87 -27.70 -10.78
CA GLU A 257 11.43 -29.00 -11.14
C GLU A 257 10.51 -30.14 -10.71
N ALA A 258 9.85 -30.00 -9.57
CA ALA A 258 8.96 -31.05 -9.09
C ALA A 258 7.62 -31.08 -9.80
N ILE A 259 7.18 -29.96 -10.37
CA ILE A 259 5.90 -29.94 -11.07
C ILE A 259 6.06 -30.44 -12.50
N GLN A 260 7.10 -30.00 -13.21
CA GLN A 260 7.36 -30.51 -14.56
C GLN A 260 8.06 -31.86 -14.58
N GLU A 261 8.13 -32.55 -13.45
CA GLU A 261 8.59 -33.93 -13.40
C GLU A 261 7.46 -34.90 -13.09
N GLY A 262 6.56 -34.55 -12.17
CA GLY A 262 5.39 -35.32 -11.89
C GLY A 262 4.19 -35.01 -12.75
N ARG A 263 4.34 -34.10 -13.73
CA ARG A 263 3.25 -33.69 -14.62
C ARG A 263 2.01 -33.29 -13.83
N LEU A 264 2.21 -32.37 -12.90
CA LEU A 264 1.15 -32.00 -11.96
C LEU A 264 -0.04 -31.38 -12.69
N LEU A 265 0.22 -30.45 -13.60
CA LEU A 265 -0.87 -29.73 -14.26
C LEU A 265 -1.84 -30.70 -14.95
N GLU A 266 -1.31 -31.76 -15.55
CA GLU A 266 -2.18 -32.79 -16.12
C GLU A 266 -2.89 -33.58 -15.04
N ARG A 267 -2.16 -33.95 -13.97
CA ARG A 267 -2.77 -34.69 -12.88
C ARG A 267 -3.90 -33.90 -12.23
N ALA A 269 -5.77 -31.60 -13.68
CA ALA A 269 -6.88 -31.65 -14.62
C ALA A 269 -7.64 -32.96 -14.50
N GLU A 270 -6.92 -34.08 -14.39
CA GLU A 270 -7.57 -35.37 -14.23
C GLU A 270 -8.39 -35.42 -12.94
N ASP A 271 -7.80 -34.97 -11.83
CA ASP A 271 -8.51 -34.97 -10.56
C ASP A 271 -9.72 -34.04 -10.61
N LEU A 272 -9.58 -32.88 -11.27
CA LEU A 272 -10.71 -31.95 -11.37
C LEU A 272 -11.88 -32.58 -12.12
N LEU A 273 -11.60 -33.35 -13.17
CA LEU A 273 -12.67 -34.00 -13.91
C LEU A 273 -13.30 -35.14 -13.12
N ASN A 274 -12.48 -36.09 -12.65
CA ASN A 274 -12.97 -37.25 -11.93
C ASN A 274 -13.59 -36.92 -10.57
N LEU A 275 -13.32 -35.73 -10.04
CA LEU A 275 -13.81 -35.39 -8.71
C LEU A 275 -15.33 -35.41 -8.62
N PHE A 276 -16.04 -35.23 -9.73
CA PHE A 276 -17.50 -35.17 -9.73
C PHE A 276 -18.05 -36.33 -10.56
N ARG A 277 -18.11 -37.52 -9.96
CA ARG A 277 -18.59 -38.72 -10.64
C ARG A 277 -19.76 -39.38 -9.90
N GLY A 278 -20.50 -38.62 -9.10
CA GLY A 278 -21.59 -39.21 -8.34
C GLY A 278 -23.01 -39.11 -8.86
N LEU A 279 -23.52 -37.91 -9.12
CA LEU A 279 -24.90 -37.70 -9.51
C LEU A 279 -25.09 -37.81 -11.03
N GLY A 280 -26.27 -37.42 -11.49
CA GLY A 280 -26.65 -37.52 -12.89
C GLY A 280 -25.81 -36.66 -13.80
N LEU A 281 -26.01 -36.85 -15.11
CA LEU A 281 -25.24 -36.18 -16.15
C LEU A 281 -23.75 -36.47 -16.01
N PRO A 292 -21.34 -28.16 -32.70
CA PRO A 292 -22.28 -27.48 -31.83
C PRO A 292 -21.80 -26.09 -31.42
N THR A 293 -21.92 -25.77 -30.14
CA THR A 293 -21.25 -24.66 -29.48
C THR A 293 -21.73 -23.27 -29.93
N ARG A 294 -22.79 -23.20 -30.77
CA ARG A 294 -23.66 -22.02 -30.70
C ARG A 294 -25.16 -22.24 -30.93
N PRO A 295 -25.83 -23.33 -30.44
CA PRO A 295 -27.31 -23.30 -30.45
C PRO A 295 -28.02 -22.38 -29.46
N GLY A 296 -27.84 -22.62 -28.16
CA GLY A 296 -28.60 -21.95 -27.12
C GLY A 296 -29.51 -22.91 -26.34
N GLY A 297 -30.34 -22.33 -25.47
CA GLY A 297 -31.26 -23.10 -24.64
C GLY A 297 -32.30 -22.19 -24.00
N LEU A 298 -33.19 -22.83 -23.22
CA LEU A 298 -34.32 -22.13 -22.58
C LEU A 298 -34.85 -23.00 -21.45
N TRP A 299 -34.81 -22.49 -20.21
CA TRP A 299 -35.16 -23.30 -19.06
C TRP A 299 -36.67 -23.51 -18.93
N ASP A 300 -37.07 -24.74 -18.62
CA ASP A 300 -38.42 -25.09 -18.21
C ASP A 300 -38.34 -25.91 -16.92
N LEU A 301 -39.49 -26.30 -16.39
CA LEU A 301 -39.51 -27.08 -15.15
C LEU A 301 -39.02 -28.49 -15.43
N GLU A 302 -37.82 -28.80 -14.95
CA GLU A 302 -37.14 -30.09 -15.16
C GLU A 302 -36.95 -30.40 -16.63
N GLY A 303 -37.02 -29.39 -17.50
CA GLY A 303 -36.85 -29.57 -18.92
C GLY A 303 -36.36 -28.29 -19.55
N GLU A 304 -36.22 -28.32 -20.87
CA GLU A 304 -35.73 -27.15 -21.59
C GLU A 304 -36.32 -27.12 -22.98
N VAL A 305 -36.74 -25.93 -23.40
CA VAL A 305 -37.19 -25.71 -24.77
C VAL A 305 -36.05 -25.18 -25.62
N GLU A 306 -36.20 -25.30 -26.93
CA GLU A 306 -35.19 -24.80 -27.86
C GLU A 306 -35.03 -23.30 -27.71
N GLY A 307 -33.79 -22.84 -27.78
CA GLY A 307 -33.50 -21.42 -27.68
C GLY A 307 -33.42 -20.74 -29.04
N GLY A 308 -33.67 -19.45 -29.04
CA GLY A 308 -33.53 -18.67 -30.25
C GLY A 308 -34.64 -18.84 -31.27
N VAL A 309 -35.90 -18.97 -30.82
CA VAL A 309 -37.03 -19.11 -31.71
C VAL A 309 -38.19 -18.25 -31.20
N ALA A 310 -38.96 -17.70 -32.13
CA ALA A 310 -40.17 -16.98 -31.80
C ALA A 310 -41.28 -17.97 -31.44
N TYR A 311 -42.17 -17.55 -30.53
CA TYR A 311 -43.12 -18.49 -29.94
C TYR A 311 -44.58 -18.14 -30.19
N GLY A 312 -45.02 -16.92 -29.84
CA GLY A 312 -46.43 -16.62 -29.74
C GLY A 312 -47.24 -16.57 -31.02
N GLY A 313 -48.41 -15.95 -30.95
CA GLY A 313 -49.31 -15.87 -32.09
C GLY A 313 -48.82 -14.92 -33.17
N LEU B 13 -15.08 12.24 -6.83
CA LEU B 13 -15.21 12.52 -8.26
C LEU B 13 -15.57 11.28 -9.10
N PRO B 14 -14.94 10.12 -8.86
CA PRO B 14 -15.38 8.90 -9.54
C PRO B 14 -16.78 8.51 -9.11
N LYS B 15 -17.59 8.09 -10.08
CA LYS B 15 -18.98 7.78 -9.83
C LYS B 15 -19.14 6.41 -9.17
N PHE B 16 -19.99 6.36 -8.14
CA PHE B 16 -20.37 5.12 -7.48
C PHE B 16 -21.80 4.75 -7.88
N ARG B 17 -22.17 3.51 -7.56
CA ARG B 17 -23.47 2.98 -7.92
C ARG B 17 -24.35 2.69 -6.70
N ASP B 18 -23.92 1.74 -5.85
CA ASP B 18 -24.54 1.56 -4.54
C ASP B 18 -23.46 0.93 -3.66
N GLY B 19 -22.76 1.78 -2.93
CA GLY B 19 -21.57 1.34 -2.21
C GLY B 19 -20.29 1.91 -2.79
N LEU B 20 -19.49 1.08 -3.44
CA LEU B 20 -18.17 1.48 -3.91
C LEU B 20 -18.25 2.14 -5.29
N SER B 21 -17.21 2.89 -5.63
CA SER B 21 -17.12 3.61 -6.90
C SER B 21 -16.34 2.79 -7.93
N TYR B 22 -16.42 3.23 -9.19
CA TYR B 22 -15.74 2.54 -10.27
C TYR B 22 -15.06 3.53 -11.20
N LEU B 23 -14.13 3.02 -12.00
CA LEU B 23 -13.30 3.83 -12.87
C LEU B 23 -13.03 3.11 -14.18
N TYR B 24 -13.20 3.82 -15.29
CA TYR B 24 -12.85 3.32 -16.61
C TYR B 24 -11.65 4.11 -17.09
N VAL B 25 -10.55 3.41 -17.38
CA VAL B 25 -9.31 4.05 -17.82
C VAL B 25 -8.90 3.42 -19.13
N GLU B 26 -8.72 4.25 -20.16
CA GLU B 26 -8.21 3.82 -21.45
C GLU B 26 -7.13 4.78 -21.92
N HIS B 27 -6.21 4.26 -22.73
CA HIS B 27 -5.09 5.02 -23.29
C HIS B 27 -4.24 5.65 -22.20
N ALA B 28 -3.72 4.81 -21.31
CA ALA B 28 -2.92 5.32 -20.20
C ALA B 28 -2.07 4.23 -19.59
N VAL B 29 -1.06 4.66 -18.84
CA VAL B 29 -0.25 3.78 -18.00
C VAL B 29 -0.74 3.91 -16.57
N VAL B 30 -1.06 2.78 -15.95
CA VAL B 30 -1.56 2.77 -14.57
C VAL B 30 -0.44 2.35 -13.64
N GLU B 31 -0.10 3.21 -12.70
CA GLU B 31 0.96 3.00 -11.73
C GLU B 31 0.39 3.31 -10.34
N ARG B 32 1.12 2.93 -9.30
CA ARG B 32 0.79 3.40 -7.96
C ARG B 32 1.54 4.70 -7.71
N GLU B 33 0.82 5.72 -7.23
CA GLU B 33 1.43 7.02 -6.96
C GLU B 33 0.86 7.55 -5.66
N ALA B 34 1.70 7.61 -4.62
CA ALA B 34 1.35 8.21 -3.33
C ALA B 34 0.18 7.49 -2.68
N GLY B 35 0.30 6.17 -2.54
CA GLY B 35 -0.77 5.38 -1.95
C GLY B 35 -2.08 5.43 -2.69
N GLY B 36 -2.06 5.78 -3.97
CA GLY B 36 -3.26 5.79 -4.79
C GLY B 36 -2.99 5.32 -6.21
N ILE B 37 -3.96 5.51 -7.11
CA ILE B 37 -3.79 5.14 -8.51
C ILE B 37 -3.28 6.36 -9.26
N GLY B 38 -2.30 6.16 -10.14
CA GLY B 38 -1.79 7.21 -10.98
C GLY B 38 -1.94 6.83 -12.43
N ILE B 39 -2.58 7.72 -13.17
CA ILE B 39 -2.93 7.52 -14.57
C ILE B 39 -2.08 8.45 -15.41
N TYR B 40 -1.13 7.89 -16.17
CA TYR B 40 -0.27 8.67 -17.05
C TYR B 40 -0.84 8.58 -18.46
N ASP B 41 -1.41 9.69 -18.94
CA ASP B 41 -1.86 9.78 -20.32
C ASP B 41 -1.33 11.04 -20.99
N GLN B 42 -1.85 11.36 -22.18
CA GLN B 42 -1.40 12.55 -22.89
C GLN B 42 -1.74 13.82 -22.10
N GLU B 43 -2.76 13.76 -21.26
CA GLU B 43 -3.12 14.90 -20.41
C GLU B 43 -2.19 15.07 -19.23
N GLY B 44 -1.27 14.12 -18.99
CA GLY B 44 -0.35 14.22 -17.88
C GLY B 44 -0.47 13.08 -16.89
N LEU B 45 -0.55 13.40 -15.60
CA LEU B 45 -0.68 12.40 -14.55
C LEU B 45 -1.88 12.77 -13.68
N THR B 46 -2.83 11.84 -13.58
CA THR B 46 -4.07 12.01 -12.82
C THR B 46 -4.09 11.08 -11.61
N LEU B 47 -4.52 11.60 -10.46
CA LEU B 47 -4.62 10.80 -9.25
C LEU B 47 -6.05 10.31 -9.05
N ALA B 48 -6.19 9.02 -8.73
CA ALA B 48 -7.47 8.40 -8.42
C ALA B 48 -7.37 7.76 -7.04
N PRO B 49 -8.27 8.10 -6.10
CA PRO B 49 -8.22 7.51 -4.76
C PRO B 49 -8.66 6.05 -4.78
N VAL B 50 -7.78 5.17 -4.28
CA VAL B 50 -8.10 3.75 -4.26
C VAL B 50 -9.08 3.41 -3.13
N ALA B 51 -9.20 4.30 -2.14
CA ALA B 51 -10.08 4.05 -1.00
C ALA B 51 -11.50 3.78 -1.47
N GLY B 52 -12.00 2.58 -1.17
CA GLY B 52 -13.32 2.15 -1.56
C GLY B 52 -13.52 2.25 -3.07
N LEU B 53 -12.79 1.41 -3.81
CA LEU B 53 -12.91 1.30 -5.25
C LEU B 53 -13.33 -0.13 -5.57
N GLY B 54 -14.55 -0.30 -6.08
CA GLY B 54 -15.04 -1.62 -6.43
C GLY B 54 -14.33 -2.21 -7.63
N VAL B 55 -14.50 -1.61 -8.79
CA VAL B 55 -13.93 -2.11 -10.04
C VAL B 55 -13.14 -1.02 -10.74
N LEU B 56 -11.99 -1.40 -11.28
CA LEU B 56 -11.16 -0.55 -12.11
C LEU B 56 -11.17 -1.12 -13.52
N PHE B 57 -11.83 -0.42 -14.44
CA PHE B 57 -12.06 -0.90 -15.80
C PHE B 57 -10.91 -0.44 -16.71
N LEU B 58 -10.23 -1.41 -17.33
CA LEU B 58 -9.10 -1.14 -18.20
C LEU B 58 -9.52 -1.23 -19.66
N GLY B 59 -9.39 -0.18 -20.42
CA GLY B 59 -9.74 -0.28 -21.80
C GLY B 59 -8.51 -0.66 -22.57
N PRO B 60 -8.61 -0.70 -23.86
CA PRO B 60 -7.44 -1.01 -24.66
C PRO B 60 -6.45 0.12 -24.57
N GLY B 61 -5.18 -0.18 -24.68
CA GLY B 61 -4.22 0.88 -24.57
C GLY B 61 -3.83 1.24 -23.18
N THR B 62 -4.07 0.34 -22.25
CA THR B 62 -3.67 0.59 -20.90
C THR B 62 -2.81 -0.55 -20.53
N ARG B 63 -1.67 -0.23 -19.91
CA ARG B 63 -0.74 -1.23 -19.40
C ARG B 63 -0.63 -0.90 -17.93
N ILE B 64 -0.59 -1.93 -17.08
CA ILE B 64 -0.54 -1.69 -15.66
C ILE B 64 0.70 -2.22 -14.99
N THR B 65 0.97 -1.76 -13.79
CA THR B 65 2.18 -2.14 -13.10
C THR B 65 1.91 -3.10 -11.95
N HIS B 66 2.93 -3.89 -11.62
CA HIS B 66 2.88 -4.79 -10.48
C HIS B 66 2.49 -4.04 -9.21
N ALA B 67 2.99 -2.82 -9.04
CA ALA B 67 2.68 -2.04 -7.85
C ALA B 67 1.21 -1.65 -7.80
N ALA B 68 0.64 -1.31 -8.96
CA ALA B 68 -0.77 -0.92 -9.01
C ALA B 68 -1.66 -2.09 -8.62
N VAL B 69 -1.40 -3.28 -9.18
CA VAL B 69 -2.21 -4.43 -8.82
C VAL B 69 -1.97 -4.83 -7.36
N ARG B 70 -0.75 -4.66 -6.86
CA ARG B 70 -0.49 -4.91 -5.44
C ARG B 70 -1.39 -4.03 -4.57
N LEU B 71 -1.39 -2.73 -4.86
CA LEU B 71 -2.20 -1.79 -4.10
C LEU B 71 -3.68 -2.12 -4.21
N LEU B 72 -4.15 -2.44 -5.42
CA LEU B 72 -5.55 -2.80 -5.62
C LEU B 72 -5.93 -4.07 -4.87
N ALA B 73 -5.09 -5.10 -4.93
CA ALA B 73 -5.34 -6.33 -4.21
C ALA B 73 -5.38 -6.09 -2.71
N GLU B 74 -4.49 -5.24 -2.20
CA GLU B 74 -4.50 -4.94 -0.78
C GLU B 74 -5.77 -4.22 -0.37
N ASN B 75 -6.30 -3.36 -1.25
CA ASN B 75 -7.54 -2.64 -0.93
C ASN B 75 -8.80 -3.37 -1.38
N GLY B 76 -8.71 -4.63 -1.82
CA GLY B 76 -9.92 -5.36 -2.15
C GLY B 76 -10.63 -4.91 -3.41
N CYS B 77 -9.91 -4.40 -4.39
CA CYS B 77 -10.49 -3.97 -5.66
C CYS B 77 -10.30 -5.06 -6.72
N THR B 78 -11.25 -5.13 -7.65
CA THR B 78 -11.13 -5.97 -8.82
C THR B 78 -10.87 -5.14 -10.06
N VAL B 79 -10.15 -5.74 -11.01
CA VAL B 79 -9.84 -5.13 -12.29
C VAL B 79 -10.58 -5.88 -13.38
N ALA B 80 -11.18 -5.14 -14.32
CA ALA B 80 -11.89 -5.76 -15.43
C ALA B 80 -11.26 -5.28 -16.73
N TRP B 81 -10.55 -6.17 -17.41
CA TRP B 81 -10.02 -5.90 -18.75
C TRP B 81 -11.17 -6.04 -19.74
N VAL B 82 -11.58 -4.89 -20.30
CA VAL B 82 -12.72 -4.74 -21.19
C VAL B 82 -12.31 -3.99 -22.45
N GLY B 83 -13.19 -4.05 -23.46
CA GLY B 83 -12.97 -3.33 -24.70
C GLY B 83 -13.48 -1.90 -24.63
N GLU B 84 -13.26 -1.17 -25.73
CA GLU B 84 -13.58 0.27 -25.76
C GLU B 84 -15.05 0.51 -25.46
N GLY B 85 -15.32 1.28 -24.42
CA GLY B 85 -16.67 1.51 -23.97
C GLY B 85 -17.30 0.35 -23.23
N ALA B 87 -17.83 -2.52 -24.29
CA ALA B 87 -18.62 -3.33 -25.22
C ALA B 87 -18.14 -4.77 -25.28
N ARG B 88 -16.94 -5.04 -24.78
CA ARG B 88 -16.35 -6.36 -24.75
C ARG B 88 -15.83 -6.66 -23.36
N PHE B 89 -15.90 -7.92 -22.97
CA PHE B 89 -15.36 -8.39 -21.70
C PHE B 89 -14.27 -9.40 -22.00
N TYR B 90 -13.09 -9.19 -21.41
CA TYR B 90 -11.94 -10.03 -21.70
C TYR B 90 -11.40 -10.76 -20.48
N ALA B 91 -11.27 -10.09 -19.34
CA ALA B 91 -10.65 -10.78 -18.21
C ALA B 91 -10.93 -10.10 -16.89
N GLN B 92 -10.99 -10.91 -15.82
CA GLN B 92 -11.24 -10.42 -14.47
C GLN B 92 -10.03 -10.69 -13.59
N GLY B 93 -9.52 -9.64 -12.95
CA GLY B 93 -8.48 -9.76 -11.95
C GLY B 93 -9.08 -9.60 -10.57
N LEU B 94 -9.06 -10.66 -9.76
CA LEU B 94 -9.62 -10.59 -8.42
C LEU B 94 -8.59 -11.00 -7.37
N GLY B 95 -8.85 -10.65 -6.13
CA GLY B 95 -7.97 -10.99 -5.03
C GLY B 95 -8.62 -11.98 -4.10
N ASP B 96 -8.02 -12.29 -2.96
CA ASP B 96 -8.65 -13.27 -2.08
C ASP B 96 -9.57 -12.67 -1.09
N THR B 97 -9.73 -11.39 -1.12
CA THR B 97 -10.58 -10.74 -0.19
C THR B 97 -11.92 -10.56 -0.80
N ARG B 98 -12.12 -10.99 -2.03
CA ARG B 98 -13.44 -10.75 -2.61
C ARG B 98 -14.47 -11.72 -2.06
N SER B 99 -15.53 -11.17 -1.45
CA SER B 99 -16.59 -11.99 -0.87
C SER B 99 -17.45 -12.62 -1.96
N ALA B 100 -17.95 -13.82 -1.67
CA ALA B 100 -18.79 -14.58 -2.59
C ALA B 100 -20.15 -14.86 -1.97
N ALA B 101 -20.72 -13.89 -1.25
CA ALA B 101 -22.09 -14.06 -0.76
C ALA B 101 -23.12 -13.86 -1.87
N ARG B 102 -22.94 -12.84 -2.71
CA ARG B 102 -23.86 -12.66 -3.84
C ARG B 102 -23.83 -13.86 -4.76
N PHE B 103 -22.65 -14.41 -5.01
CA PHE B 103 -22.50 -15.58 -5.88
C PHE B 103 -23.19 -16.79 -5.25
N TYR B 104 -23.01 -16.98 -3.94
CA TYR B 104 -23.66 -18.09 -3.26
C TYR B 104 -25.17 -17.96 -3.29
N ARG B 105 -25.67 -16.73 -3.13
CA ARG B 105 -27.12 -16.50 -3.20
C ARG B 105 -27.65 -16.81 -4.59
N GLN B 106 -26.94 -16.38 -5.64
CA GLN B 106 -27.36 -16.68 -7.00
C GLN B 106 -27.38 -18.18 -7.25
N ALA B 107 -26.35 -18.89 -6.79
CA ALA B 107 -26.30 -20.34 -7.00
C ALA B 107 -27.40 -21.05 -6.23
N ARG B 108 -27.66 -20.64 -4.99
CA ARG B 108 -28.69 -21.26 -4.19
C ARG B 108 -30.06 -21.07 -4.82
N ALA B 109 -30.34 -19.87 -5.31
CA ALA B 109 -31.59 -19.64 -6.03
C ALA B 109 -31.66 -20.49 -7.30
N TRP B 110 -30.53 -20.61 -8.00
CA TRP B 110 -30.51 -21.33 -9.28
C TRP B 110 -30.73 -22.83 -9.10
N ALA B 111 -30.27 -23.40 -7.98
CA ALA B 111 -30.31 -24.85 -7.83
C ALA B 111 -31.62 -25.37 -7.26
N ASP B 112 -32.45 -24.52 -6.67
CA ASP B 112 -33.70 -24.94 -6.07
C ASP B 112 -34.86 -24.61 -6.99
N PRO B 113 -35.62 -25.60 -7.47
CA PRO B 113 -36.65 -25.32 -8.48
C PRO B 113 -37.63 -24.22 -8.09
N ALA B 114 -38.05 -24.14 -6.83
CA ALA B 114 -38.99 -23.11 -6.42
C ALA B 114 -38.38 -21.72 -6.54
N LEU B 115 -37.22 -21.51 -5.92
CA LEU B 115 -36.54 -20.22 -6.04
C LEU B 115 -36.12 -19.94 -7.48
N HIS B 116 -35.69 -20.98 -8.21
CA HIS B 116 -35.37 -20.83 -9.62
C HIS B 116 -36.57 -20.25 -10.39
N LEU B 117 -37.73 -20.86 -10.24
CA LEU B 117 -38.95 -20.38 -10.90
C LEU B 117 -39.28 -18.96 -10.46
N GLU B 118 -39.12 -18.67 -9.17
CA GLU B 118 -39.42 -17.32 -8.68
C GLU B 118 -38.53 -16.28 -9.34
N VAL B 119 -37.23 -16.55 -9.45
CA VAL B 119 -36.31 -15.61 -10.07
C VAL B 119 -36.60 -15.49 -11.57
N VAL B 120 -36.98 -16.60 -12.21
CA VAL B 120 -37.31 -16.54 -13.63
C VAL B 120 -38.52 -15.64 -13.86
N ARG B 122 -39.41 -13.20 -11.92
CA ARG B 122 -38.90 -11.85 -11.72
C ARG B 122 -38.29 -11.29 -13.01
N LEU B 123 -37.44 -12.08 -13.66
CA LEU B 123 -36.77 -11.64 -14.88
C LEU B 123 -37.78 -11.38 -15.99
N TYR B 124 -38.81 -12.23 -16.10
CA TYR B 124 -39.85 -11.99 -17.09
C TYR B 124 -40.64 -10.73 -16.77
N ARG B 125 -40.99 -10.52 -15.49
CA ARG B 125 -41.80 -9.38 -15.11
C ARG B 125 -41.08 -8.08 -15.36
N ARG B 127 -39.60 -7.01 -17.93
CA ARG B 127 -39.56 -6.58 -19.33
C ARG B 127 -40.86 -5.95 -19.83
N PHE B 128 -41.89 -5.92 -19.00
CA PHE B 128 -43.19 -5.42 -19.44
C PHE B 128 -43.56 -4.11 -18.77
N PRO B 133 -47.23 -4.76 -16.00
CA PRO B 133 -48.23 -5.73 -15.52
C PRO B 133 -47.72 -7.17 -15.64
N GLU B 134 -48.64 -8.12 -15.74
CA GLU B 134 -48.28 -9.54 -15.82
C GLU B 134 -49.53 -10.32 -16.22
N GLY B 135 -49.40 -11.65 -16.21
CA GLY B 135 -50.49 -12.57 -16.44
C GLY B 135 -50.38 -13.71 -15.44
N LEU B 136 -51.00 -14.85 -15.71
CA LEU B 136 -50.90 -16.04 -14.85
C LEU B 136 -50.88 -17.27 -15.74
N THR B 137 -49.69 -17.76 -16.07
CA THR B 137 -49.52 -18.93 -16.92
C THR B 137 -48.14 -19.52 -16.69
N LEU B 138 -47.85 -20.62 -17.37
CA LEU B 138 -46.60 -21.36 -17.19
C LEU B 138 -45.71 -21.30 -18.42
N GLU B 139 -46.19 -21.80 -19.56
CA GLU B 139 -45.40 -21.85 -20.79
C GLU B 139 -45.91 -20.92 -21.85
N GLN B 140 -47.03 -20.23 -21.60
CA GLN B 140 -47.48 -19.21 -22.52
C GLN B 140 -46.69 -17.92 -22.36
N VAL B 141 -46.16 -17.66 -21.16
CA VAL B 141 -45.35 -16.47 -20.92
C VAL B 141 -44.18 -16.41 -21.89
N ARG B 142 -43.69 -17.56 -22.33
CA ARG B 142 -42.62 -17.58 -23.32
C ARG B 142 -43.11 -17.03 -24.65
N GLY B 143 -44.35 -17.40 -25.03
CA GLY B 143 -44.96 -16.84 -26.22
C GLY B 143 -45.28 -15.36 -26.08
N LEU B 144 -45.65 -14.93 -24.88
CA LEU B 144 -45.92 -13.51 -24.64
C LEU B 144 -44.64 -12.69 -24.77
N GLU B 145 -43.51 -13.19 -24.25
CA GLU B 145 -42.24 -12.53 -24.47
C GLU B 145 -41.90 -12.49 -25.96
N GLY B 146 -42.12 -13.60 -26.65
CA GLY B 146 -42.02 -13.62 -28.10
C GLY B 146 -42.80 -12.51 -28.77
N VAL B 147 -44.10 -12.45 -28.50
CA VAL B 147 -44.96 -11.42 -29.08
C VAL B 147 -44.47 -10.02 -28.72
N ARG B 148 -43.96 -9.83 -27.50
CA ARG B 148 -43.42 -8.53 -27.12
C ARG B 148 -42.26 -8.15 -28.03
N VAL B 149 -41.32 -9.09 -28.20
CA VAL B 149 -40.16 -8.83 -29.05
C VAL B 149 -40.60 -8.52 -30.48
N ARG B 150 -41.52 -9.33 -31.01
CA ARG B 150 -41.93 -9.14 -32.41
C ARG B 150 -42.67 -7.82 -32.61
N ASN B 151 -43.61 -7.47 -31.73
CA ASN B 151 -44.32 -6.21 -31.98
C ASN B 151 -43.48 -4.99 -31.66
N ALA B 152 -42.48 -5.10 -30.77
CA ALA B 152 -41.54 -3.99 -30.60
C ALA B 152 -40.68 -3.83 -31.85
N TYR B 153 -40.23 -4.96 -32.40
CA TYR B 153 -39.59 -4.97 -33.71
C TYR B 153 -40.43 -4.25 -34.75
N ALA B 154 -41.72 -4.57 -34.82
CA ALA B 154 -42.60 -3.94 -35.80
C ALA B 154 -42.73 -2.44 -35.54
N ARG B 155 -42.87 -2.05 -34.28
CA ARG B 155 -42.95 -0.63 -33.94
C ARG B 155 -41.73 0.13 -34.45
N TRP B 156 -40.53 -0.40 -34.19
CA TRP B 156 -39.35 0.33 -34.59
C TRP B 156 -39.05 0.20 -36.07
N SER B 157 -39.54 -0.85 -36.73
CA SER B 157 -39.50 -0.92 -38.18
C SER B 157 -40.39 0.15 -38.81
N ARG B 158 -41.55 0.41 -38.20
CA ARG B 158 -42.43 1.45 -38.70
C ARG B 158 -41.84 2.84 -38.45
N GLU B 159 -41.50 3.13 -37.19
CA GLU B 159 -40.98 4.45 -36.86
C GLU B 159 -39.67 4.74 -37.60
N THR B 160 -38.79 3.75 -37.69
CA THR B 160 -37.55 3.94 -38.45
C THR B 160 -37.84 4.09 -39.94
N GLY B 161 -38.85 3.40 -40.46
CA GLY B 161 -39.15 3.46 -41.88
C GLY B 161 -38.23 2.61 -42.73
N VAL B 162 -38.29 1.29 -42.55
CA VAL B 162 -37.29 0.36 -43.05
C VAL B 162 -37.95 -0.97 -43.38
N PRO B 163 -37.20 -2.01 -43.81
CA PRO B 163 -37.81 -3.35 -43.87
C PRO B 163 -38.24 -3.85 -42.50
N TRP B 164 -38.64 -5.11 -42.46
CA TRP B 164 -39.18 -5.75 -41.28
C TRP B 164 -38.05 -6.20 -40.36
N TYR B 165 -38.46 -6.69 -39.19
CA TYR B 165 -37.52 -7.25 -38.22
C TYR B 165 -36.78 -8.44 -38.79
N GLY B 166 -37.52 -9.53 -39.01
CA GLY B 166 -37.01 -10.73 -39.63
C GLY B 166 -36.14 -11.52 -38.69
N ARG B 167 -34.98 -10.97 -38.38
CA ARG B 167 -33.96 -11.67 -37.61
C ARG B 167 -33.66 -13.04 -38.22
N SER B 168 -33.14 -13.02 -39.45
CA SER B 168 -32.59 -14.21 -40.10
C SER B 168 -31.08 -14.04 -40.18
N TYR B 169 -30.35 -14.78 -39.34
CA TYR B 169 -28.89 -14.78 -39.35
C TYR B 169 -28.39 -16.22 -39.40
N ASP B 170 -27.18 -16.40 -39.93
CA ASP B 170 -26.48 -17.67 -39.92
C ASP B 170 -25.20 -17.50 -39.13
N ARG B 171 -25.01 -18.34 -38.11
CA ARG B 171 -23.85 -18.21 -37.24
C ARG B 171 -22.56 -18.43 -38.02
N GLY B 172 -22.55 -19.37 -38.96
CA GLY B 172 -21.36 -19.66 -39.73
C GLY B 172 -20.96 -18.55 -40.69
N ASN B 173 -21.88 -17.68 -41.06
CA ASN B 173 -21.64 -16.63 -42.06
C ASN B 173 -22.12 -15.30 -41.50
N TRP B 174 -21.16 -14.42 -41.18
CA TRP B 174 -21.53 -13.11 -40.66
C TRP B 174 -22.29 -12.29 -41.69
N ARG B 175 -21.79 -12.23 -42.93
CA ARG B 175 -22.34 -11.34 -43.94
C ARG B 175 -23.58 -11.90 -44.60
N ALA B 176 -24.05 -13.07 -44.20
CA ALA B 176 -25.24 -13.68 -44.80
C ALA B 176 -26.49 -13.28 -44.03
N ALA B 177 -26.73 -11.97 -43.96
CA ALA B 177 -27.86 -11.46 -43.21
C ALA B 177 -28.18 -10.03 -43.67
N ASP B 178 -29.35 -9.56 -43.25
CA ASP B 178 -29.83 -8.20 -43.51
C ASP B 178 -28.84 -7.18 -42.92
N PRO B 179 -28.82 -5.95 -43.43
CA PRO B 179 -28.07 -4.91 -42.72
C PRO B 179 -28.59 -4.65 -41.31
N VAL B 180 -29.91 -4.57 -41.14
CA VAL B 180 -30.47 -4.39 -39.81
C VAL B 180 -30.16 -5.62 -38.95
N ASN B 181 -30.12 -6.80 -39.57
CA ASN B 181 -29.73 -8.00 -38.83
C ASN B 181 -28.30 -7.90 -38.31
N ARG B 182 -27.38 -7.44 -39.15
CA ARG B 182 -25.99 -7.31 -38.70
C ARG B 182 -25.86 -6.24 -37.62
N ALA B 183 -26.57 -5.12 -37.78
CA ALA B 183 -26.59 -4.09 -36.74
C ALA B 183 -27.13 -4.63 -35.43
N LEU B 184 -28.25 -5.37 -35.50
CA LEU B 184 -28.85 -5.98 -34.35
C LEU B 184 -27.86 -6.90 -33.63
N SER B 185 -27.15 -7.73 -34.40
CA SER B 185 -26.20 -8.67 -33.80
C SER B 185 -25.03 -7.94 -33.15
N ALA B 186 -24.52 -6.90 -33.81
CA ALA B 186 -23.44 -6.10 -33.23
C ALA B 186 -23.88 -5.46 -31.91
N GLY B 187 -25.05 -4.81 -31.93
CA GLY B 187 -25.58 -4.24 -30.70
C GLY B 187 -25.80 -5.27 -29.62
N ALA B 188 -26.24 -6.47 -30.00
CA ALA B 188 -26.38 -7.55 -29.04
C ALA B 188 -25.04 -7.91 -28.42
N SER B 189 -23.99 -7.96 -29.24
CA SER B 189 -22.65 -8.23 -28.73
C SER B 189 -22.22 -7.15 -27.73
N TYR B 190 -22.50 -5.90 -28.06
CA TYR B 190 -22.16 -4.79 -27.16
C TYR B 190 -22.89 -4.93 -25.83
N LEU B 191 -24.20 -5.21 -25.88
CA LEU B 191 -24.97 -5.38 -24.66
C LEU B 191 -24.47 -6.58 -23.86
N TYR B 192 -24.07 -7.65 -24.54
CA TYR B 192 -23.54 -8.82 -23.83
C TYR B 192 -22.23 -8.48 -23.12
N GLY B 193 -21.37 -7.71 -23.79
CA GLY B 193 -20.14 -7.29 -23.13
C GLY B 193 -20.39 -6.47 -21.89
N LEU B 194 -21.27 -5.47 -22.00
CA LEU B 194 -21.60 -4.64 -20.84
C LEU B 194 -22.26 -5.45 -19.74
N ALA B 195 -23.15 -6.38 -20.11
CA ALA B 195 -23.81 -7.24 -19.13
C ALA B 195 -22.81 -8.11 -18.40
N HIS B 196 -21.91 -8.74 -19.15
CA HIS B 196 -20.87 -9.57 -18.54
C HIS B 196 -20.04 -8.75 -17.55
N ALA B 197 -19.66 -7.54 -17.97
CA ALA B 197 -18.89 -6.65 -17.10
C ALA B 197 -19.63 -6.38 -15.79
N ALA B 198 -20.86 -5.87 -15.89
CA ALA B 198 -21.61 -5.53 -14.68
C ALA B 198 -21.88 -6.77 -13.82
N ILE B 199 -22.13 -7.92 -14.45
CA ILE B 199 -22.43 -9.13 -13.70
C ILE B 199 -21.25 -9.53 -12.84
N VAL B 200 -20.07 -9.66 -13.45
CA VAL B 200 -18.94 -10.14 -12.65
C VAL B 200 -18.34 -9.05 -11.77
N SER B 201 -18.64 -7.78 -12.06
CA SER B 201 -18.13 -6.70 -11.23
C SER B 201 -18.88 -6.62 -9.90
N LEU B 202 -20.12 -7.11 -9.86
CA LEU B 202 -20.87 -7.19 -8.62
C LEU B 202 -20.69 -8.53 -7.91
N GLY B 203 -19.94 -9.45 -8.50
CA GLY B 203 -19.65 -10.71 -7.86
C GLY B 203 -20.58 -11.85 -8.18
N PHE B 204 -21.36 -11.74 -9.25
CA PHE B 204 -22.25 -12.80 -9.68
C PHE B 204 -21.56 -13.69 -10.71
N SER B 205 -22.26 -14.73 -11.16
CA SER B 205 -21.72 -15.62 -12.18
C SER B 205 -22.47 -15.43 -13.49
N PRO B 206 -21.76 -15.30 -14.61
CA PRO B 206 -22.45 -15.26 -15.91
C PRO B 206 -23.04 -16.60 -16.32
N ALA B 207 -22.56 -17.72 -15.76
CA ALA B 207 -23.01 -19.04 -16.21
C ALA B 207 -24.30 -19.46 -15.51
N LEU B 208 -24.56 -18.98 -14.30
CA LEU B 208 -25.80 -19.31 -13.58
C LEU B 208 -26.95 -18.56 -14.23
N GLY B 209 -27.38 -19.08 -15.37
CA GLY B 209 -28.53 -18.54 -16.05
C GLY B 209 -29.81 -19.18 -15.51
N PHE B 210 -30.84 -18.36 -15.39
CA PHE B 210 -32.15 -18.83 -14.96
C PHE B 210 -33.05 -19.03 -16.17
N ILE B 211 -32.99 -18.11 -17.11
CA ILE B 211 -33.43 -18.33 -18.46
C ILE B 211 -32.15 -18.65 -19.25
N HIS B 212 -32.32 -19.24 -20.44
CA HIS B 212 -31.20 -19.53 -21.34
C HIS B 212 -30.21 -20.54 -20.74
N THR B 213 -30.65 -21.37 -19.80
CA THR B 213 -29.74 -22.27 -19.11
C THR B 213 -29.00 -23.16 -20.11
N GLY B 214 -27.73 -23.44 -19.83
CA GLY B 214 -26.92 -24.32 -20.65
C GLY B 214 -25.68 -23.67 -21.22
N LYS B 215 -25.60 -22.35 -21.29
CA LYS B 215 -24.44 -21.65 -21.80
C LYS B 215 -23.66 -21.03 -20.65
N LEU B 216 -22.35 -20.90 -20.82
CA LEU B 216 -21.51 -20.33 -19.77
C LEU B 216 -21.71 -18.83 -19.62
N LEU B 217 -22.48 -18.22 -20.51
CA LEU B 217 -22.82 -16.80 -20.42
C LEU B 217 -24.33 -16.59 -20.38
N SER B 218 -25.07 -17.61 -19.95
CA SER B 218 -26.52 -17.57 -19.95
C SER B 218 -27.04 -16.37 -19.18
N PHE B 219 -26.51 -16.15 -17.97
CA PHE B 219 -26.96 -15.02 -17.16
C PHE B 219 -26.69 -13.69 -17.85
N VAL B 220 -25.61 -13.62 -18.65
CA VAL B 220 -25.32 -12.43 -19.43
C VAL B 220 -26.48 -12.12 -20.38
N TYR B 221 -26.93 -13.14 -21.11
CA TYR B 221 -28.06 -12.94 -22.01
C TYR B 221 -29.33 -12.61 -21.25
N ASP B 222 -29.54 -13.28 -20.12
CA ASP B 222 -30.68 -12.98 -19.25
C ASP B 222 -30.73 -11.51 -18.90
N ILE B 223 -29.57 -10.93 -18.56
CA ILE B 223 -29.54 -9.52 -18.17
C ILE B 223 -29.68 -8.61 -19.39
N ALA B 224 -29.00 -8.94 -20.50
CA ALA B 224 -29.03 -8.07 -21.67
C ALA B 224 -30.43 -7.98 -22.27
N ASP B 225 -31.20 -9.07 -22.21
CA ASP B 225 -32.57 -9.04 -22.73
C ASP B 225 -33.41 -7.98 -22.02
N LEU B 226 -33.07 -7.65 -20.78
CA LEU B 226 -33.81 -6.67 -20.00
C LEU B 226 -33.72 -5.27 -20.60
N TYR B 227 -32.71 -5.01 -21.42
CA TYR B 227 -32.51 -3.69 -22.00
C TYR B 227 -32.40 -3.70 -23.51
N LYS B 228 -32.48 -4.88 -24.15
CA LYS B 228 -32.45 -4.95 -25.61
C LYS B 228 -33.51 -4.07 -26.24
N ALA B 229 -34.77 -4.23 -25.82
CA ALA B 229 -35.87 -3.52 -26.47
C ALA B 229 -35.82 -2.02 -26.24
N ASP B 230 -35.06 -1.54 -25.26
CA ASP B 230 -34.97 -0.11 -24.98
C ASP B 230 -33.74 0.54 -25.57
N TYR B 231 -32.68 -0.22 -25.83
CA TYR B 231 -31.44 0.34 -26.37
C TYR B 231 -31.06 -0.24 -27.72
N LEU B 232 -31.09 -1.57 -27.86
CA LEU B 232 -30.53 -2.20 -29.05
C LEU B 232 -31.42 -1.98 -30.28
N VAL B 233 -32.70 -2.37 -30.19
CA VAL B 233 -33.58 -2.32 -31.35
C VAL B 233 -33.68 -0.92 -31.94
N PRO B 234 -33.97 0.14 -31.17
CA PRO B 234 -34.04 1.48 -31.80
C PRO B 234 -32.73 1.92 -32.38
N ALA B 235 -31.61 1.62 -31.72
CA ALA B 235 -30.31 2.02 -32.25
C ALA B 235 -30.03 1.34 -33.58
N ALA B 236 -30.27 0.03 -33.66
CA ALA B 236 -30.02 -0.69 -34.91
C ALA B 236 -30.92 -0.17 -36.04
N PHE B 237 -32.21 0.01 -35.75
CA PHE B 237 -33.11 0.45 -36.80
C PHE B 237 -32.78 1.86 -37.26
N ARG B 238 -32.42 2.76 -36.33
CA ARG B 238 -32.08 4.12 -36.73
C ARG B 238 -30.73 4.16 -37.45
N THR B 239 -29.82 3.24 -37.13
CA THR B 239 -28.54 3.18 -37.83
C THR B 239 -28.74 2.71 -39.26
N VAL B 240 -29.65 1.76 -39.47
CA VAL B 240 -29.97 1.37 -40.84
C VAL B 240 -30.74 2.47 -41.53
N ALA B 241 -31.53 3.24 -40.79
CA ALA B 241 -32.18 4.43 -41.32
C ALA B 241 -31.18 5.48 -41.75
N GLU B 242 -29.97 5.44 -41.18
CA GLU B 242 -28.93 6.40 -41.57
C GLU B 242 -28.32 6.01 -42.91
N SER B 243 -27.82 4.79 -43.01
CA SER B 243 -27.33 4.22 -44.26
C SER B 243 -27.21 2.72 -44.07
N GLU B 244 -26.62 2.08 -45.05
CA GLU B 244 -26.41 0.67 -44.99
C GLU B 244 -24.94 0.39 -45.17
N GLU B 245 -24.10 1.39 -44.93
CA GLU B 245 -22.68 1.23 -45.06
C GLU B 245 -22.12 1.26 -43.68
N ALA B 246 -21.31 0.27 -43.34
CA ALA B 246 -20.67 0.19 -42.04
C ALA B 246 -21.65 0.27 -40.90
N VAL B 247 -22.73 -0.46 -41.00
CA VAL B 247 -23.72 -0.43 -39.97
C VAL B 247 -23.18 -0.97 -38.68
N GLU B 248 -22.43 -2.04 -38.78
CA GLU B 248 -21.88 -2.69 -37.60
C GLU B 248 -21.13 -1.79 -36.67
N ARG B 249 -20.50 -0.77 -37.22
CA ARG B 249 -19.73 0.18 -36.44
C ARG B 249 -20.57 1.38 -35.99
N ARG B 250 -21.43 1.85 -36.85
CA ARG B 250 -22.25 2.96 -36.51
C ARG B 250 -23.17 2.57 -35.39
N VAL B 251 -23.80 1.41 -35.48
CA VAL B 251 -24.72 0.98 -34.44
C VAL B 251 -23.99 0.90 -33.10
N ARG B 252 -22.74 0.44 -33.11
CA ARG B 252 -21.96 0.37 -31.89
C ARG B 252 -21.63 1.77 -31.35
N ARG B 253 -21.31 2.70 -32.24
CA ARG B 253 -21.05 4.08 -31.83
C ARG B 253 -22.29 4.72 -31.22
N ALA B 254 -23.42 4.61 -31.92
CA ALA B 254 -24.67 5.17 -31.41
C ALA B 254 -25.06 4.53 -30.09
N LEU B 255 -24.81 3.22 -29.93
CA LEU B 255 -25.13 2.55 -28.69
C LEU B 255 -24.23 3.02 -27.56
N ARG B 256 -22.95 3.26 -27.85
CA ARG B 256 -22.05 3.83 -26.85
C ARG B 256 -22.56 5.18 -26.38
N GLU B 257 -22.92 6.06 -27.32
CA GLU B 257 -23.41 7.38 -26.95
C GLU B 257 -24.71 7.29 -26.17
N ALA B 258 -25.57 6.34 -26.52
CA ALA B 258 -26.85 6.18 -25.81
C ALA B 258 -26.69 5.51 -24.46
N ILE B 259 -25.62 4.75 -24.26
CA ILE B 259 -25.36 4.11 -22.97
C ILE B 259 -24.75 5.12 -22.00
N GLN B 260 -23.85 5.98 -22.49
CA GLN B 260 -23.31 7.00 -21.62
C GLN B 260 -24.29 8.15 -21.37
N GLU B 261 -25.30 8.31 -22.23
CA GLU B 261 -26.34 9.30 -22.01
C GLU B 261 -27.45 8.81 -21.08
N GLY B 262 -27.45 7.53 -20.72
CA GLY B 262 -28.51 6.98 -19.90
C GLY B 262 -28.02 6.23 -18.69
N ARG B 263 -26.70 6.23 -18.47
CA ARG B 263 -26.07 5.59 -17.31
C ARG B 263 -26.57 4.15 -17.14
N LEU B 264 -26.44 3.36 -18.22
CA LEU B 264 -27.02 2.03 -18.23
C LEU B 264 -26.33 1.11 -17.22
N LEU B 265 -25.05 1.34 -16.93
CA LEU B 265 -24.33 0.47 -15.99
C LEU B 265 -24.94 0.57 -14.59
N GLU B 266 -25.29 1.77 -14.15
CA GLU B 266 -25.89 1.92 -12.83
C GLU B 266 -27.25 1.23 -12.75
N ARG B 267 -28.07 1.38 -13.78
CA ARG B 267 -29.38 0.71 -13.79
C ARG B 267 -29.21 -0.80 -13.81
N ALA B 269 -26.64 -2.59 -12.62
CA ALA B 269 -26.20 -3.03 -11.30
C ALA B 269 -27.34 -2.98 -10.29
N GLU B 270 -28.14 -1.90 -10.33
CA GLU B 270 -29.27 -1.78 -9.41
C GLU B 270 -30.27 -2.91 -9.60
N ASP B 271 -30.62 -3.21 -10.86
CA ASP B 271 -31.54 -4.31 -11.13
C ASP B 271 -30.94 -5.65 -10.71
N LEU B 272 -29.63 -5.84 -10.94
CA LEU B 272 -28.98 -7.07 -10.50
C LEU B 272 -29.05 -7.23 -8.99
N LEU B 273 -28.91 -6.13 -8.26
CA LEU B 273 -29.01 -6.18 -6.81
C LEU B 273 -30.42 -6.54 -6.37
N ASN B 274 -31.42 -5.81 -6.90
CA ASN B 274 -32.79 -6.09 -6.50
C ASN B 274 -33.27 -7.46 -6.98
N LEU B 275 -32.61 -8.06 -7.97
CA LEU B 275 -33.05 -9.34 -8.51
C LEU B 275 -33.03 -10.46 -7.47
N PHE B 276 -32.12 -10.39 -6.51
CA PHE B 276 -32.02 -11.43 -5.48
C PHE B 276 -32.26 -10.81 -4.11
N ARG B 277 -33.33 -10.04 -3.99
CA ARG B 277 -33.67 -9.34 -2.75
C ARG B 277 -35.05 -9.79 -2.30
N GLY B 278 -35.12 -10.42 -1.13
CA GLY B 278 -36.37 -10.92 -0.61
C GLY B 278 -36.76 -12.30 -1.11
N LEU B 279 -36.00 -12.89 -2.01
CA LEU B 279 -36.30 -14.21 -2.56
C LEU B 279 -36.09 -15.28 -1.50
N SER C 21 29.17 1.17 11.40
CA SER C 21 28.84 0.15 12.40
C SER C 21 27.33 -0.03 12.50
N TYR C 22 26.65 0.07 11.37
CA TYR C 22 25.20 -0.06 11.31
C TYR C 22 24.81 -1.54 11.34
N LEU C 23 23.52 -1.79 11.55
CA LEU C 23 23.01 -3.14 11.75
C LEU C 23 21.68 -3.29 11.03
N TYR C 24 21.54 -4.39 10.29
CA TYR C 24 20.35 -4.70 9.50
C TYR C 24 19.61 -5.90 10.10
N VAL C 25 18.30 -5.74 10.32
CA VAL C 25 17.45 -6.76 10.92
C VAL C 25 16.34 -7.10 9.95
N GLU C 26 16.18 -8.40 9.68
CA GLU C 26 15.12 -8.90 8.81
C GLU C 26 14.39 -10.04 9.50
N HIS C 27 13.06 -10.06 9.35
CA HIS C 27 12.21 -11.14 9.88
C HIS C 27 12.49 -11.44 11.35
N ALA C 28 12.28 -10.42 12.18
CA ALA C 28 12.53 -10.55 13.61
C ALA C 28 11.73 -9.49 14.34
N VAL C 29 11.52 -9.70 15.63
CA VAL C 29 10.90 -8.73 16.51
C VAL C 29 11.99 -8.02 17.30
N VAL C 30 12.00 -6.69 17.22
CA VAL C 30 12.97 -5.85 17.91
C VAL C 30 12.28 -5.19 19.10
N GLU C 31 12.76 -5.50 20.30
CA GLU C 31 12.25 -4.90 21.53
C GLU C 31 13.42 -4.46 22.40
N ARG C 32 13.09 -3.74 23.48
CA ARG C 32 14.06 -3.37 24.51
C ARG C 32 14.16 -4.51 25.53
N GLU C 33 15.34 -5.12 25.61
CA GLU C 33 15.57 -6.25 26.50
C GLU C 33 16.79 -5.96 27.35
N ALA C 34 16.60 -5.92 28.67
CA ALA C 34 17.69 -5.73 29.64
C ALA C 34 18.44 -4.42 29.36
N GLY C 35 17.69 -3.32 29.27
CA GLY C 35 18.28 -2.02 29.01
C GLY C 35 19.07 -1.93 27.73
N GLY C 36 18.83 -2.86 26.80
CA GLY C 36 19.47 -2.84 25.51
C GLY C 36 18.50 -3.27 24.44
N ILE C 37 18.99 -3.51 23.22
CA ILE C 37 18.12 -3.97 22.14
C ILE C 37 18.20 -5.48 22.06
N GLY C 38 17.05 -6.12 21.88
CA GLY C 38 16.97 -7.55 21.67
C GLY C 38 16.19 -7.94 20.42
N ILE C 39 16.77 -8.77 19.57
CA ILE C 39 16.13 -9.19 18.32
C ILE C 39 15.76 -10.66 18.46
N TYR C 40 14.46 -10.94 18.50
CA TYR C 40 13.93 -12.29 18.65
C TYR C 40 13.55 -12.84 17.28
N ASP C 41 14.30 -13.84 16.81
CA ASP C 41 13.95 -14.58 15.60
C ASP C 41 13.95 -16.07 15.91
N GLN C 42 13.89 -16.92 14.88
CA GLN C 42 13.88 -18.36 15.11
C GLN C 42 15.18 -18.85 15.73
N GLU C 43 16.29 -18.12 15.57
CA GLU C 43 17.56 -18.51 16.19
C GLU C 43 17.58 -18.25 17.68
N GLY C 44 16.58 -17.58 18.23
CA GLY C 44 16.53 -17.30 19.66
C GLY C 44 16.52 -15.81 19.97
N LEU C 45 17.39 -15.40 20.89
CA LEU C 45 17.51 -14.01 21.28
C LEU C 45 18.95 -13.56 21.15
N THR C 46 19.17 -12.53 20.35
CA THR C 46 20.47 -11.89 20.23
C THR C 46 20.36 -10.49 20.81
N LEU C 47 21.29 -10.16 21.71
CA LEU C 47 21.33 -8.84 22.33
C LEU C 47 22.39 -8.02 21.63
N ALA C 48 22.04 -6.78 21.28
CA ALA C 48 22.97 -5.89 20.63
C ALA C 48 23.13 -4.62 21.47
N PRO C 49 24.35 -4.24 21.80
CA PRO C 49 24.56 -3.00 22.57
C PRO C 49 24.20 -1.78 21.72
N VAL C 50 23.33 -0.93 22.27
CA VAL C 50 22.87 0.24 21.53
C VAL C 50 23.97 1.28 21.41
N ALA C 51 25.00 1.19 22.25
CA ALA C 51 26.11 2.14 22.22
C ALA C 51 26.75 2.17 20.85
N GLY C 52 26.64 3.31 20.16
CA GLY C 52 27.24 3.45 18.85
C GLY C 52 26.70 2.49 17.81
N LEU C 53 25.46 2.68 17.39
CA LEU C 53 24.86 1.90 16.33
C LEU C 53 24.59 2.74 15.08
N GLY C 54 24.33 4.03 15.26
CA GLY C 54 24.10 4.94 14.15
C GLY C 54 22.78 4.70 13.46
N VAL C 55 22.69 3.57 12.76
CA VAL C 55 21.47 3.22 12.03
C VAL C 55 21.07 1.81 12.41
N LEU C 56 19.78 1.61 12.62
CA LEU C 56 19.18 0.29 12.77
C LEU C 56 18.27 0.09 11.57
N PHE C 57 18.69 -0.76 10.64
CA PHE C 57 17.96 -0.95 9.39
C PHE C 57 16.94 -2.07 9.57
N LEU C 58 15.67 -1.74 9.40
CA LEU C 58 14.59 -2.71 9.55
C LEU C 58 14.10 -3.13 8.16
N GLY C 59 14.37 -4.39 7.82
CA GLY C 59 13.87 -4.97 6.59
C GLY C 59 12.43 -5.44 6.74
N PRO C 60 11.90 -6.09 5.70
CA PRO C 60 10.49 -6.48 5.73
C PRO C 60 10.25 -7.62 6.70
N GLY C 61 9.00 -7.73 7.13
CA GLY C 61 8.63 -8.72 8.13
C GLY C 61 9.16 -8.41 9.51
N THR C 62 9.16 -7.15 9.92
CA THR C 62 9.79 -6.70 11.15
C THR C 62 8.77 -5.95 11.98
N ARG C 63 8.71 -6.24 13.30
CA ARG C 63 7.89 -5.50 14.27
C ARG C 63 8.81 -4.92 15.39
N ILE C 64 8.76 -3.59 15.62
CA ILE C 64 9.59 -2.92 16.61
C ILE C 64 8.66 -2.30 17.65
N THR C 65 9.17 -2.17 18.88
CA THR C 65 8.40 -1.67 20.00
C THR C 65 8.71 -0.21 20.28
N HIS C 66 7.73 0.47 20.88
CA HIS C 66 7.91 1.86 21.30
C HIS C 66 9.14 2.05 22.17
N ALA C 67 9.42 1.10 23.07
CA ALA C 67 10.57 1.24 23.95
C ALA C 67 11.88 1.14 23.18
N ALA C 68 11.93 0.26 22.17
CA ALA C 68 13.15 0.12 21.38
C ALA C 68 13.45 1.41 20.62
N VAL C 69 12.43 1.99 19.99
CA VAL C 69 12.63 3.23 19.25
C VAL C 69 12.98 4.38 20.19
N ARG C 70 12.36 4.40 21.37
CA ARG C 70 12.70 5.41 22.37
C ARG C 70 14.17 5.32 22.77
N LEU C 71 14.62 4.12 23.13
CA LEU C 71 16.00 3.93 23.55
C LEU C 71 16.98 4.29 22.43
N LEU C 72 16.68 3.86 21.20
CA LEU C 72 17.57 4.16 20.09
C LEU C 72 17.64 5.67 19.81
N ALA C 73 16.49 6.34 19.83
CA ALA C 73 16.48 7.79 19.63
C ALA C 73 17.24 8.51 20.75
N GLU C 74 17.09 8.04 21.98
CA GLU C 74 17.80 8.65 23.11
C GLU C 74 19.30 8.47 22.99
N ASN C 75 19.76 7.37 22.41
CA ASN C 75 21.19 7.13 22.21
C ASN C 75 21.71 7.74 20.91
N GLY C 76 20.92 8.60 20.26
CA GLY C 76 21.35 9.25 19.04
C GLY C 76 21.41 8.32 17.86
N CYS C 77 20.61 7.26 17.88
CA CYS C 77 20.52 6.30 16.79
C CYS C 77 19.30 6.61 15.93
N THR C 78 19.42 6.33 14.64
CA THR C 78 18.29 6.42 13.73
C THR C 78 17.86 5.03 13.33
N VAL C 79 16.57 4.88 13.08
CA VAL C 79 16.00 3.64 12.56
C VAL C 79 15.57 3.91 11.13
N ALA C 80 16.00 3.05 10.21
CA ALA C 80 15.70 3.21 8.79
C ALA C 80 14.98 1.97 8.29
N TRP C 81 13.70 2.13 7.97
CA TRP C 81 12.91 1.08 7.35
C TRP C 81 13.21 0.98 5.86
N VAL C 82 13.72 -0.14 5.41
CA VAL C 82 14.02 -0.31 4.01
C VAL C 82 13.44 -1.61 3.56
N GLY C 83 13.15 -1.75 2.28
CA GLY C 83 12.59 -2.99 1.82
C GLY C 83 12.49 -3.04 0.32
N GLU C 84 11.74 -3.99 -0.21
CA GLU C 84 11.62 -4.07 -1.65
C GLU C 84 10.86 -2.85 -2.00
N GLY C 85 11.43 -2.08 -2.93
CA GLY C 85 10.84 -0.84 -3.38
C GLY C 85 10.65 0.00 -2.14
N ALA C 87 8.85 3.43 0.13
CA ALA C 87 9.26 4.78 0.43
C ALA C 87 10.32 4.74 1.47
N ARG C 88 11.12 5.77 1.59
CA ARG C 88 12.11 5.73 2.64
C ARG C 88 11.46 6.28 3.85
N PHE C 89 11.73 5.65 4.98
CA PHE C 89 11.27 6.12 6.23
C PHE C 89 12.37 6.04 7.20
N TYR C 90 12.52 7.10 7.95
CA TYR C 90 13.56 7.20 8.95
C TYR C 90 12.97 7.60 10.30
N ALA C 91 13.36 6.90 11.36
CA ALA C 91 12.98 7.31 12.70
C ALA C 91 14.07 8.27 13.17
N GLN C 92 13.66 9.40 13.73
CA GLN C 92 14.56 10.50 14.03
C GLN C 92 14.55 10.78 15.53
N GLY C 93 15.73 10.91 16.11
CA GLY C 93 15.86 11.22 17.52
C GLY C 93 16.00 12.70 17.76
N LEU C 94 16.80 13.05 18.77
CA LEU C 94 16.98 14.42 19.17
C LEU C 94 18.44 14.86 19.09
N GLY C 95 19.34 13.94 18.75
CA GLY C 95 20.75 14.19 18.57
C GLY C 95 21.56 14.01 19.84
N ASP C 96 22.87 13.79 19.65
CA ASP C 96 23.78 13.65 20.77
C ASP C 96 24.21 14.98 21.38
N THR C 97 24.05 16.09 20.65
CA THR C 97 24.46 17.38 21.16
C THR C 97 23.36 17.97 22.02
N ARG C 98 23.72 18.40 23.22
CA ARG C 98 22.73 18.93 24.17
C ARG C 98 21.92 20.05 23.53
N SER C 99 22.60 21.09 23.07
CA SER C 99 21.97 22.14 22.27
C SER C 99 23.00 22.60 21.24
N ALA C 100 22.63 22.51 19.97
CA ALA C 100 23.58 22.56 18.88
C ALA C 100 23.74 23.99 18.36
N ALA C 101 24.97 24.50 18.44
CA ALA C 101 25.32 25.71 17.70
C ALA C 101 25.48 25.37 16.22
N ARG C 102 25.92 24.15 15.94
CA ARG C 102 26.10 23.68 14.56
C ARG C 102 24.84 23.89 13.74
N PHE C 103 23.67 23.64 14.33
CA PHE C 103 22.43 23.90 13.60
C PHE C 103 22.24 25.38 13.33
N TYR C 104 22.57 26.23 14.29
CA TYR C 104 22.46 27.68 14.06
C TYR C 104 23.40 28.11 12.94
N ARG C 105 24.60 27.52 12.88
CA ARG C 105 25.52 27.81 11.78
C ARG C 105 24.97 27.34 10.45
N GLN C 106 24.39 26.13 10.42
CA GLN C 106 23.78 25.62 9.20
C GLN C 106 22.65 26.54 8.74
N ALA C 107 21.81 26.99 9.67
CA ALA C 107 20.69 27.85 9.32
C ALA C 107 21.17 29.21 8.81
N ARG C 108 22.18 29.79 9.47
CA ARG C 108 22.71 31.08 9.02
C ARG C 108 23.34 30.96 7.63
N ALA C 109 24.09 29.88 7.40
CA ALA C 109 24.65 29.66 6.06
C ALA C 109 23.54 29.47 5.03
N TRP C 110 22.48 28.75 5.40
CA TRP C 110 21.40 28.47 4.46
C TRP C 110 20.60 29.72 4.14
N ALA C 111 20.47 30.64 5.10
CA ALA C 111 19.58 31.78 4.94
C ALA C 111 20.25 32.98 4.27
N ASP C 112 21.57 33.01 4.19
CA ASP C 112 22.27 34.13 3.58
C ASP C 112 22.71 33.71 2.18
N PRO C 113 22.22 34.37 1.12
CA PRO C 113 22.47 33.87 -0.25
C PRO C 113 23.93 33.65 -0.59
N ALA C 114 24.84 34.54 -0.16
CA ALA C 114 26.25 34.37 -0.47
C ALA C 114 26.80 33.13 0.22
N LEU C 115 26.57 33.02 1.53
CA LEU C 115 27.02 31.84 2.27
C LEU C 115 26.35 30.57 1.75
N HIS C 116 25.08 30.67 1.36
CA HIS C 116 24.38 29.55 0.74
C HIS C 116 25.12 29.07 -0.50
N LEU C 117 25.43 30.00 -1.41
CA LEU C 117 26.15 29.64 -2.62
C LEU C 117 27.51 29.05 -2.30
N GLU C 118 28.19 29.58 -1.28
CA GLU C 118 29.48 29.03 -0.89
C GLU C 118 29.34 27.58 -0.43
N VAL C 119 28.30 27.28 0.36
CA VAL C 119 28.09 25.92 0.81
C VAL C 119 27.77 25.01 -0.38
N VAL C 120 27.03 25.52 -1.35
CA VAL C 120 26.73 24.74 -2.55
C VAL C 120 28.02 24.42 -3.30
N ARG C 122 31.02 24.27 -2.02
CA ARG C 122 31.73 23.31 -1.20
C ARG C 122 31.22 21.90 -1.47
N LEU C 123 29.89 21.73 -1.46
CA LEU C 123 29.29 20.42 -1.63
C LEU C 123 29.59 19.83 -3.00
N TYR C 124 29.54 20.65 -4.05
CA TYR C 124 29.87 20.16 -5.38
C TYR C 124 31.35 19.79 -5.49
N ARG C 125 32.22 20.66 -4.99
CA ARG C 125 33.66 20.45 -5.16
C ARG C 125 34.14 19.24 -4.37
N ARG C 127 33.12 16.39 -4.21
CA ARG C 127 32.85 15.13 -4.89
C ARG C 127 33.95 14.71 -5.86
N PHE C 128 34.96 15.56 -6.07
CA PHE C 128 36.06 15.26 -6.97
C PHE C 128 37.28 14.81 -6.17
N SER C 129 37.87 13.69 -6.57
CA SER C 129 39.11 13.24 -5.95
C SER C 129 40.32 14.03 -6.41
N GLU C 130 40.16 14.87 -7.43
CA GLU C 130 41.21 15.76 -7.91
C GLU C 130 40.78 17.20 -7.68
N PRO C 131 41.63 18.04 -7.08
CA PRO C 131 41.23 19.43 -6.82
C PRO C 131 40.87 20.16 -8.10
N LEU C 132 39.73 20.83 -8.07
CA LEU C 132 39.28 21.61 -9.21
C LEU C 132 39.99 22.95 -9.26
N PRO C 133 40.05 23.58 -10.43
CA PRO C 133 40.60 24.94 -10.49
C PRO C 133 39.76 25.88 -9.65
N GLU C 134 40.45 26.79 -8.95
CA GLU C 134 39.76 27.71 -8.06
C GLU C 134 39.02 28.77 -8.88
N GLY C 135 37.99 29.34 -8.27
CA GLY C 135 37.23 30.41 -8.91
C GLY C 135 36.61 29.99 -10.23
N LEU C 136 35.81 28.94 -10.21
CA LEU C 136 35.12 28.46 -11.39
C LEU C 136 33.65 28.86 -11.34
N THR C 137 33.05 28.97 -12.53
CA THR C 137 31.62 29.24 -12.60
C THR C 137 30.87 28.12 -11.89
N LEU C 138 29.83 28.48 -11.13
CA LEU C 138 28.98 27.46 -10.53
C LEU C 138 28.35 26.60 -11.61
N GLU C 139 27.81 27.24 -12.65
CA GLU C 139 27.27 26.45 -13.74
C GLU C 139 28.35 25.58 -14.36
N GLN C 140 29.61 26.01 -14.32
CA GLN C 140 30.67 25.19 -14.86
C GLN C 140 30.95 23.98 -13.97
N VAL C 141 31.10 24.20 -12.65
CA VAL C 141 31.35 23.09 -11.73
C VAL C 141 30.19 22.11 -11.74
N ARG C 142 28.96 22.62 -11.90
CA ARG C 142 27.79 21.74 -12.02
C ARG C 142 27.80 20.97 -13.33
N GLY C 143 28.26 21.59 -14.42
CA GLY C 143 28.38 20.87 -15.67
C GLY C 143 29.43 19.77 -15.61
N LEU C 144 30.52 20.01 -14.88
CA LEU C 144 31.52 18.97 -14.71
C LEU C 144 30.98 17.80 -13.89
N GLU C 145 29.98 18.05 -13.05
CA GLU C 145 29.30 16.97 -12.31
C GLU C 145 28.85 15.87 -13.25
N GLY C 146 27.99 16.21 -14.20
CA GLY C 146 27.55 15.33 -15.28
C GLY C 146 28.64 14.43 -15.83
N VAL C 147 29.70 15.02 -16.39
CA VAL C 147 30.78 14.22 -16.94
C VAL C 147 31.43 13.32 -15.89
N ARG C 148 31.56 13.79 -14.65
CA ARG C 148 32.16 12.94 -13.62
C ARG C 148 31.27 11.73 -13.31
N VAL C 149 29.98 11.97 -13.07
CA VAL C 149 29.05 10.88 -12.74
C VAL C 149 28.98 9.89 -13.90
N ARG C 150 28.83 10.40 -15.13
CA ARG C 150 28.75 9.55 -16.30
C ARG C 150 30.03 8.77 -16.48
N ASN C 151 31.17 9.43 -16.26
CA ASN C 151 32.46 8.78 -16.45
C ASN C 151 32.75 7.76 -15.35
N ALA C 152 32.19 7.92 -14.16
CA ALA C 152 32.33 6.89 -13.13
C ALA C 152 31.48 5.67 -13.46
N TYR C 153 30.22 5.89 -13.85
CA TYR C 153 29.41 4.77 -14.34
C TYR C 153 30.14 4.02 -15.45
N ALA C 154 30.66 4.76 -16.43
CA ALA C 154 31.37 4.14 -17.55
C ALA C 154 32.64 3.45 -17.10
N ARG C 155 33.39 4.07 -16.19
CA ARG C 155 34.63 3.49 -15.69
C ARG C 155 34.37 2.12 -15.07
N TRP C 156 33.38 2.01 -14.19
CA TRP C 156 33.15 0.71 -13.57
C TRP C 156 32.40 -0.25 -14.48
N SER C 157 31.66 0.24 -15.48
CA SER C 157 31.12 -0.66 -16.49
C SER C 157 32.25 -1.29 -17.30
N ARG C 158 33.29 -0.51 -17.59
CA ARG C 158 34.47 -1.03 -18.27
C ARG C 158 35.27 -1.95 -17.37
N GLU C 159 35.39 -1.61 -16.09
CA GLU C 159 36.26 -2.35 -15.19
C GLU C 159 35.66 -3.69 -14.82
N THR C 160 34.41 -3.70 -14.35
CA THR C 160 33.78 -4.93 -13.91
C THR C 160 33.21 -5.76 -15.05
N GLY C 161 33.25 -5.25 -16.28
CA GLY C 161 32.67 -5.98 -17.39
C GLY C 161 31.16 -6.06 -17.37
N VAL C 162 30.51 -5.17 -16.64
CA VAL C 162 29.06 -5.18 -16.49
C VAL C 162 28.48 -4.11 -17.42
N PRO C 163 27.50 -4.44 -18.26
CA PRO C 163 26.95 -3.43 -19.18
C PRO C 163 26.27 -2.28 -18.45
N TRP C 164 26.33 -1.10 -19.07
CA TRP C 164 25.70 0.10 -18.55
C TRP C 164 24.89 0.74 -19.67
N TYR C 165 23.57 0.62 -19.60
CA TYR C 165 22.67 1.17 -20.61
C TYR C 165 22.07 2.51 -20.18
N GLY C 166 22.63 3.12 -19.15
CA GLY C 166 22.05 4.30 -18.54
C GLY C 166 21.55 4.00 -17.14
N ARG C 167 20.85 4.98 -16.57
CA ARG C 167 20.26 4.87 -15.24
C ARG C 167 18.75 4.72 -15.38
N SER C 168 18.16 3.88 -14.52
CA SER C 168 16.72 3.66 -14.56
C SER C 168 15.96 4.98 -14.40
N TYR C 169 16.44 5.85 -13.52
CA TYR C 169 15.71 7.06 -13.20
C TYR C 169 15.75 8.13 -14.30
N ASP C 170 16.51 7.90 -15.37
CA ASP C 170 16.57 8.90 -16.44
C ASP C 170 15.19 9.10 -17.04
N ARG C 171 14.80 10.36 -17.22
CA ARG C 171 13.44 10.72 -17.57
C ARG C 171 13.20 10.60 -19.08
N GLY C 172 11.95 10.83 -19.48
CA GLY C 172 11.54 10.71 -20.86
C GLY C 172 11.23 9.30 -21.31
N ASN C 173 11.60 8.29 -20.53
CA ASN C 173 11.41 6.89 -20.89
C ASN C 173 10.84 6.13 -19.71
N TRP C 174 10.45 4.89 -19.98
CA TRP C 174 10.31 3.89 -18.93
C TRP C 174 11.10 2.66 -19.33
N ARG C 175 12.10 2.31 -18.54
CA ARG C 175 12.84 1.06 -18.68
C ARG C 175 12.66 0.26 -17.41
N ALA C 176 12.96 -1.03 -17.49
CA ALA C 176 12.90 -1.91 -16.34
C ALA C 176 14.24 -1.90 -15.61
N ALA C 177 14.19 -1.75 -14.29
CA ALA C 177 15.42 -1.68 -13.50
C ALA C 177 16.21 -2.97 -13.65
N ASP C 178 17.40 -2.88 -14.25
CA ASP C 178 18.26 -4.04 -14.43
C ASP C 178 19.09 -4.27 -13.17
N PRO C 179 19.76 -5.42 -13.07
CA PRO C 179 20.54 -5.69 -11.85
C PRO C 179 21.43 -4.56 -11.36
N VAL C 180 22.13 -3.86 -12.26
CA VAL C 180 23.00 -2.78 -11.80
C VAL C 180 22.21 -1.65 -11.18
N ASN C 181 21.07 -1.29 -11.79
CA ASN C 181 20.24 -0.21 -11.25
C ASN C 181 19.66 -0.60 -9.90
N ARG C 182 19.17 -1.84 -9.77
CA ARG C 182 18.60 -2.28 -8.50
C ARG C 182 19.68 -2.30 -7.43
N ALA C 183 20.89 -2.73 -7.78
CA ALA C 183 22.01 -2.71 -6.85
C ALA C 183 22.32 -1.27 -6.41
N LEU C 184 22.40 -0.34 -7.37
CA LEU C 184 22.65 1.06 -7.04
C LEU C 184 21.62 1.59 -6.07
N SER C 185 20.34 1.36 -6.35
CA SER C 185 19.26 1.91 -5.52
C SER C 185 19.27 1.27 -4.13
N ALA C 186 19.48 -0.04 -4.05
CA ALA C 186 19.54 -0.72 -2.76
C ALA C 186 20.65 -0.14 -1.90
N GLY C 187 21.87 -0.07 -2.43
CA GLY C 187 22.97 0.53 -1.67
C GLY C 187 22.71 1.99 -1.32
N ALA C 188 22.04 2.72 -2.21
CA ALA C 188 21.69 4.11 -1.94
C ALA C 188 20.83 4.23 -0.70
N SER C 189 19.91 3.28 -0.49
CA SER C 189 19.08 3.35 0.71
C SER C 189 19.93 3.33 1.98
N TYR C 190 20.91 2.42 2.04
CA TYR C 190 21.79 2.36 3.21
C TYR C 190 22.64 3.63 3.34
N LEU C 191 23.17 4.12 2.22
CA LEU C 191 23.98 5.34 2.27
C LEU C 191 23.16 6.52 2.79
N TYR C 192 21.90 6.62 2.36
CA TYR C 192 21.03 7.67 2.87
C TYR C 192 20.77 7.50 4.35
N GLY C 193 20.58 6.26 4.81
CA GLY C 193 20.39 6.02 6.23
C GLY C 193 21.58 6.49 7.05
N LEU C 194 22.79 6.14 6.61
CA LEU C 194 24.00 6.57 7.32
C LEU C 194 24.14 8.09 7.29
N ALA C 195 23.81 8.72 6.16
CA ALA C 195 23.88 10.17 6.08
C ALA C 195 22.93 10.81 7.08
N HIS C 196 21.69 10.33 7.15
CA HIS C 196 20.74 10.80 8.16
C HIS C 196 21.29 10.63 9.56
N ALA C 197 21.90 9.47 9.83
CA ALA C 197 22.49 9.22 11.14
C ALA C 197 23.48 10.31 11.51
N ALA C 198 24.49 10.52 10.64
CA ALA C 198 25.51 11.51 10.98
C ALA C 198 24.92 12.90 11.09
N ILE C 199 24.00 13.26 10.19
CA ILE C 199 23.44 14.62 10.19
C ILE C 199 22.71 14.89 11.49
N VAL C 200 21.79 14.00 11.87
CA VAL C 200 20.98 14.30 13.05
C VAL C 200 21.71 14.00 14.35
N SER C 201 22.73 13.13 14.34
CA SER C 201 23.49 12.87 15.55
C SER C 201 24.52 13.94 15.85
N LEU C 202 24.98 14.67 14.84
CA LEU C 202 25.89 15.80 15.09
C LEU C 202 25.16 17.10 15.36
N GLY C 203 23.83 17.11 15.31
CA GLY C 203 23.06 18.28 15.66
C GLY C 203 22.68 19.19 14.52
N PHE C 204 22.77 18.71 13.28
CA PHE C 204 22.34 19.49 12.14
C PHE C 204 20.89 19.13 11.81
N SER C 205 20.32 19.83 10.83
CA SER C 205 18.95 19.54 10.43
C SER C 205 18.93 18.90 9.06
N PRO C 206 18.15 17.82 8.88
CA PRO C 206 17.96 17.26 7.54
C PRO C 206 17.14 18.15 6.63
N ALA C 207 16.39 19.10 7.18
CA ALA C 207 15.47 19.90 6.37
C ALA C 207 16.17 21.05 5.65
N LEU C 208 17.24 21.60 6.23
CA LEU C 208 17.97 22.70 5.61
C LEU C 208 18.88 22.14 4.52
N GLY C 209 18.28 21.86 3.36
CA GLY C 209 19.01 21.38 2.20
C GLY C 209 19.59 22.53 1.37
N PHE C 210 20.78 22.31 0.83
CA PHE C 210 21.47 23.30 0.01
C PHE C 210 21.43 23.03 -1.49
N ILE C 211 21.64 21.79 -1.92
CA ILE C 211 21.44 21.41 -3.32
C ILE C 211 20.05 20.81 -3.48
N HIS C 212 19.80 19.69 -2.83
CA HIS C 212 18.43 19.18 -2.77
C HIS C 212 17.63 20.11 -1.85
N THR C 213 16.46 20.54 -2.30
CA THR C 213 15.70 21.54 -1.58
C THR C 213 14.21 21.26 -1.66
N GLY C 214 13.50 21.53 -0.56
CA GLY C 214 12.05 21.47 -0.51
C GLY C 214 11.51 20.41 0.41
N LYS C 215 12.30 19.38 0.73
CA LYS C 215 11.86 18.31 1.60
C LYS C 215 12.62 18.36 2.92
N LEU C 216 12.00 17.80 3.95
CA LEU C 216 12.57 17.79 5.30
C LEU C 216 13.80 16.89 5.43
N LEU C 217 14.18 16.14 4.39
CA LEU C 217 15.37 15.29 4.45
C LEU C 217 16.37 15.60 3.34
N SER C 218 16.28 16.78 2.74
CA SER C 218 17.13 17.11 1.58
C SER C 218 18.62 16.99 1.91
N PHE C 219 19.03 17.51 3.07
CA PHE C 219 20.43 17.50 3.45
C PHE C 219 20.99 16.08 3.49
N VAL C 220 20.13 15.09 3.75
CA VAL C 220 20.56 13.69 3.70
C VAL C 220 21.13 13.36 2.33
N TYR C 221 20.40 13.71 1.27
CA TYR C 221 20.87 13.46 -0.09
C TYR C 221 22.10 14.30 -0.40
N ASP C 222 22.09 15.57 0.04
CA ASP C 222 23.26 16.44 -0.14
C ASP C 222 24.52 15.77 0.39
N ILE C 223 24.42 15.14 1.56
CA ILE C 223 25.59 14.51 2.17
C ILE C 223 25.92 13.18 1.48
N ALA C 224 24.90 12.39 1.15
CA ALA C 224 25.15 11.07 0.56
C ALA C 224 25.81 11.16 -0.80
N ASP C 225 25.49 12.21 -1.57
CA ASP C 225 26.12 12.39 -2.88
C ASP C 225 27.64 12.50 -2.76
N LEU C 226 28.16 12.94 -1.61
CA LEU C 226 29.59 13.08 -1.42
C LEU C 226 30.32 11.75 -1.45
N TYR C 227 29.63 10.65 -1.20
CA TYR C 227 30.26 9.34 -1.10
C TYR C 227 29.64 8.31 -2.03
N LYS C 228 28.58 8.68 -2.78
CA LYS C 228 28.00 7.75 -3.74
C LYS C 228 29.04 7.22 -4.71
N ALA C 229 29.77 8.10 -5.39
CA ALA C 229 30.68 7.66 -6.44
C ALA C 229 31.85 6.87 -5.91
N ASP C 230 32.20 7.04 -4.63
CA ASP C 230 33.34 6.33 -4.06
C ASP C 230 32.95 5.01 -3.41
N TYR C 231 31.70 4.84 -2.98
CA TYR C 231 31.32 3.62 -2.27
C TYR C 231 30.23 2.84 -2.96
N LEU C 232 29.15 3.50 -3.39
CA LEU C 232 27.98 2.81 -3.91
C LEU C 232 28.24 2.20 -5.28
N VAL C 233 28.65 3.03 -6.23
CA VAL C 233 28.84 2.56 -7.60
C VAL C 233 29.79 1.37 -7.69
N PRO C 234 30.99 1.42 -7.09
CA PRO C 234 31.88 0.25 -7.19
C PRO C 234 31.28 -1.01 -6.58
N ALA C 235 30.62 -0.86 -5.42
CA ALA C 235 30.04 -2.02 -4.76
C ALA C 235 28.95 -2.64 -5.63
N ALA C 236 28.08 -1.81 -6.18
CA ALA C 236 27.00 -2.32 -7.02
C ALA C 236 27.56 -3.02 -8.25
N PHE C 237 28.53 -2.39 -8.92
CA PHE C 237 29.04 -2.99 -10.14
C PHE C 237 29.79 -4.29 -9.88
N ARG C 238 30.60 -4.35 -8.82
CA ARG C 238 31.34 -5.58 -8.57
C ARG C 238 30.43 -6.69 -8.03
N THR C 239 29.34 -6.35 -7.33
CA THR C 239 28.42 -7.39 -6.90
C THR C 239 27.60 -7.92 -8.07
N VAL C 240 27.21 -7.06 -9.00
CA VAL C 240 26.50 -7.56 -10.18
C VAL C 240 27.44 -8.36 -11.07
N ALA C 241 28.74 -8.04 -11.05
CA ALA C 241 29.72 -8.84 -11.77
C ALA C 241 29.80 -10.27 -11.27
N GLU C 242 29.41 -10.53 -10.02
CA GLU C 242 29.47 -11.89 -9.49
C GLU C 242 28.27 -12.71 -9.98
N SER C 243 27.06 -12.19 -9.77
CA SER C 243 25.85 -12.86 -10.23
C SER C 243 24.71 -11.86 -10.20
N GLU C 244 23.84 -11.92 -11.20
CA GLU C 244 22.63 -11.10 -11.19
C GLU C 244 21.63 -11.54 -10.14
N GLU C 245 21.92 -12.62 -9.40
CA GLU C 245 21.00 -13.18 -8.44
C GLU C 245 21.19 -12.52 -7.07
N ALA C 246 20.08 -12.05 -6.50
CA ALA C 246 20.03 -11.48 -5.16
C ALA C 246 21.12 -10.42 -4.97
N VAL C 247 20.97 -9.34 -5.72
CA VAL C 247 21.95 -8.27 -5.69
C VAL C 247 21.60 -7.25 -4.61
N GLU C 248 20.33 -7.15 -4.23
CA GLU C 248 19.89 -6.18 -3.23
C GLU C 248 20.49 -6.47 -1.85
N ARG C 249 20.83 -7.72 -1.56
CA ARG C 249 21.45 -8.10 -0.29
C ARG C 249 22.97 -8.17 -0.38
N ARG C 250 23.50 -8.72 -1.46
CA ARG C 250 24.94 -8.76 -1.65
C ARG C 250 25.51 -7.34 -1.75
N VAL C 251 24.73 -6.40 -2.28
CA VAL C 251 25.14 -5.00 -2.27
C VAL C 251 25.23 -4.48 -0.85
N ARG C 252 24.30 -4.88 0.01
CA ARG C 252 24.36 -4.47 1.41
C ARG C 252 25.63 -5.01 2.06
N ARG C 253 25.96 -6.26 1.74
CA ARG C 253 27.20 -6.86 2.25
C ARG C 253 28.42 -6.08 1.80
N ALA C 254 28.53 -5.83 0.49
CA ALA C 254 29.69 -5.13 -0.04
C ALA C 254 29.80 -3.72 0.51
N LEU C 255 28.66 -3.03 0.67
CA LEU C 255 28.70 -1.65 1.17
C LEU C 255 29.10 -1.61 2.64
N ARG C 256 28.60 -2.57 3.44
CA ARG C 256 29.05 -2.67 4.82
C ARG C 256 30.57 -2.89 4.88
N GLU C 257 31.07 -3.81 4.06
CA GLU C 257 32.51 -4.10 4.07
C GLU C 257 33.31 -2.89 3.64
N ALA C 258 32.82 -2.13 2.66
CA ALA C 258 33.59 -0.97 2.20
C ALA C 258 33.50 0.20 3.15
N ILE C 259 32.43 0.29 3.94
CA ILE C 259 32.32 1.38 4.91
C ILE C 259 33.19 1.09 6.12
N GLN C 260 33.18 -0.16 6.60
CA GLN C 260 34.09 -0.51 7.68
C GLN C 260 35.51 -0.78 7.18
N GLU C 261 35.73 -0.71 5.87
CA GLU C 261 37.06 -0.71 5.27
C GLU C 261 37.65 0.68 5.11
N GLY C 262 36.81 1.69 4.87
CA GLY C 262 37.26 3.05 4.72
C GLY C 262 36.96 4.01 5.85
N ARG C 263 36.40 3.54 6.97
CA ARG C 263 36.03 4.39 8.10
C ARG C 263 35.20 5.59 7.63
N LEU C 264 34.22 5.29 6.78
CA LEU C 264 33.45 6.34 6.12
C LEU C 264 32.67 7.19 7.14
N LEU C 265 32.13 6.57 8.19
CA LEU C 265 31.29 7.31 9.13
C LEU C 265 32.08 8.43 9.82
N GLU C 266 33.38 8.23 10.05
CA GLU C 266 34.21 9.31 10.58
C GLU C 266 34.50 10.37 9.53
N ARG C 267 34.64 9.98 8.26
CA ARG C 267 34.80 10.96 7.19
C ARG C 267 33.58 11.86 7.10
N ALA C 269 31.61 12.67 9.56
CA ALA C 269 31.63 13.59 10.70
C ALA C 269 32.56 14.77 10.45
N GLU C 270 33.76 14.50 9.93
CA GLU C 270 34.69 15.57 9.62
C GLU C 270 34.11 16.50 8.55
N ASP C 271 33.55 15.91 7.48
CA ASP C 271 32.99 16.70 6.40
C ASP C 271 31.80 17.53 6.87
N LEU C 272 30.94 16.95 7.72
CA LEU C 272 29.78 17.68 8.22
C LEU C 272 30.22 18.87 9.07
N LEU C 273 31.27 18.70 9.87
CA LEU C 273 31.76 19.79 10.69
C LEU C 273 32.45 20.86 9.84
N ASN C 274 33.39 20.45 8.99
CA ASN C 274 34.18 21.37 8.19
C ASN C 274 33.35 22.13 7.17
N LEU C 275 32.14 21.64 6.85
CA LEU C 275 31.33 22.26 5.82
C LEU C 275 30.98 23.71 6.13
N PHE C 276 30.95 24.07 7.42
CA PHE C 276 30.57 25.42 7.83
C PHE C 276 31.75 26.09 8.54
N ARG C 277 32.72 26.57 7.76
CA ARG C 277 33.91 27.23 8.30
C ARG C 277 34.07 28.64 7.77
N GLY C 278 33.00 29.23 7.24
CA GLY C 278 33.08 30.57 6.69
C GLY C 278 33.22 31.70 7.69
N LEU C 279 32.17 31.93 8.48
CA LEU C 279 32.15 33.04 9.43
C LEU C 279 30.90 32.90 10.28
N GLY C 280 31.03 33.14 11.58
CA GLY C 280 29.94 32.83 12.50
C GLY C 280 30.35 32.98 13.95
N LEU C 281 30.07 31.99 14.81
CA LEU C 281 30.64 32.04 16.16
C LEU C 281 31.39 30.76 16.54
N PRO C 282 32.33 30.24 15.71
CA PRO C 282 33.06 29.09 16.24
C PRO C 282 34.25 29.42 17.15
N THR C 293 24.39 21.76 29.13
CA THR C 293 24.42 22.43 30.42
C THR C 293 23.06 22.87 30.99
N ARG C 294 22.81 24.17 30.99
CA ARG C 294 21.74 24.77 31.78
C ARG C 294 21.20 26.00 31.05
N PRO C 295 20.11 26.67 31.55
CA PRO C 295 19.33 27.61 30.71
C PRO C 295 20.08 28.45 29.69
N GLY C 296 19.51 28.50 28.47
CA GLY C 296 20.06 29.33 27.42
C GLY C 296 19.66 30.78 27.53
N GLY C 297 20.33 31.62 26.73
CA GLY C 297 20.14 33.04 26.80
C GLY C 297 18.88 33.53 26.13
N LEU C 298 18.66 34.84 26.22
CA LEU C 298 17.49 35.49 25.65
C LEU C 298 17.92 36.34 24.46
N TRP C 299 16.98 36.58 23.56
CA TRP C 299 17.28 37.29 22.32
C TRP C 299 17.10 38.79 22.49
N ASP C 300 18.19 39.54 22.31
CA ASP C 300 18.17 40.97 22.05
C ASP C 300 18.81 41.21 20.69
N LEU C 301 18.70 42.45 20.25
CA LEU C 301 19.24 42.87 18.98
C LEU C 301 20.70 42.54 19.02
N GLU C 302 21.04 41.46 18.35
CA GLU C 302 22.40 40.95 18.29
C GLU C 302 22.96 40.79 19.68
N GLY C 303 22.23 40.15 20.57
CA GLY C 303 22.71 39.99 21.90
C GLY C 303 21.89 38.97 22.63
N GLU C 304 22.55 38.26 23.51
CA GLU C 304 21.91 37.24 24.30
C GLU C 304 21.81 37.68 25.75
N VAL C 305 20.72 38.37 26.08
CA VAL C 305 20.54 38.78 27.45
C VAL C 305 20.36 37.48 28.17
N GLU C 306 21.26 37.20 29.11
CA GLU C 306 21.28 35.97 29.91
C GLU C 306 19.91 35.51 30.35
N GLY C 307 19.62 34.24 30.11
CA GLY C 307 18.32 33.72 30.46
C GLY C 307 18.21 33.39 31.92
N GLY C 308 16.98 33.34 32.41
CA GLY C 308 16.72 33.01 33.79
C GLY C 308 16.73 34.23 34.68
N VAL C 309 16.42 35.38 34.12
CA VAL C 309 16.41 36.61 34.91
C VAL C 309 14.98 37.13 35.01
N ALA C 310 14.64 37.71 36.15
CA ALA C 310 13.30 38.22 36.37
C ALA C 310 13.33 39.70 36.75
N LEU D 13 -13.55 9.77 11.41
CA LEU D 13 -13.80 9.77 12.84
C LEU D 13 -12.63 10.41 13.60
N PRO D 14 -11.42 10.24 13.06
CA PRO D 14 -10.22 10.75 13.71
C PRO D 14 -10.25 12.27 13.78
N LYS D 15 -9.80 12.81 14.92
CA LYS D 15 -9.76 14.24 15.11
C LYS D 15 -8.78 14.90 14.14
N PHE D 16 -9.21 16.01 13.55
CA PHE D 16 -8.40 16.76 12.60
C PHE D 16 -8.12 18.15 13.16
N ARG D 17 -7.23 18.88 12.48
CA ARG D 17 -6.93 20.25 12.87
C ARG D 17 -6.40 21.00 11.65
N ASP D 18 -7.27 21.80 11.02
CA ASP D 18 -6.88 22.70 9.94
C ASP D 18 -6.13 21.96 8.82
N GLY D 19 -6.76 20.91 8.30
CA GLY D 19 -6.12 20.08 7.30
C GLY D 19 -6.32 18.60 7.55
N LEU D 20 -5.21 17.87 7.72
CA LEU D 20 -5.25 16.43 7.91
C LEU D 20 -5.50 16.06 9.37
N SER D 21 -5.89 14.81 9.59
CA SER D 21 -6.27 14.33 10.91
C SER D 21 -5.07 13.71 11.62
N TYR D 22 -5.28 13.32 12.89
CA TYR D 22 -4.23 12.71 13.69
C TYR D 22 -4.89 11.68 14.59
N LEU D 23 -4.06 10.80 15.16
CA LEU D 23 -4.52 9.69 15.99
C LEU D 23 -3.48 9.40 17.05
N TYR D 24 -3.94 9.16 18.27
CA TYR D 24 -3.07 8.72 19.36
C TYR D 24 -3.42 7.29 19.68
N VAL D 25 -2.40 6.44 19.72
CA VAL D 25 -2.62 5.05 20.01
C VAL D 25 -1.58 4.53 20.98
N GLU D 26 -2.02 3.85 22.02
CA GLU D 26 -1.16 3.26 23.02
C GLU D 26 -1.63 1.87 23.36
N HIS D 27 -0.79 1.15 24.03
CA HIS D 27 -1.11 -0.19 24.36
C HIS D 27 -1.74 -0.97 23.21
N ALA D 28 -1.05 -1.06 22.09
CA ALA D 28 -1.59 -1.86 21.02
C ALA D 28 -0.59 -2.23 19.98
N VAL D 29 -0.93 -3.21 19.17
CA VAL D 29 -0.09 -3.61 18.05
C VAL D 29 -0.63 -2.95 16.79
N VAL D 30 0.23 -2.23 16.08
CA VAL D 30 -0.17 -1.51 14.87
C VAL D 30 0.30 -2.31 13.66
N GLU D 31 -0.65 -2.73 12.83
CA GLU D 31 -0.38 -3.48 11.62
C GLU D 31 -1.14 -2.84 10.47
N ARG D 32 -0.78 -3.22 9.24
CA ARG D 32 -1.54 -2.83 8.07
C ARG D 32 -2.58 -3.91 7.79
N GLU D 33 -3.85 -3.50 7.73
CA GLU D 33 -4.94 -4.44 7.45
C GLU D 33 -5.89 -3.78 6.47
N ALA D 34 -6.06 -4.41 5.30
CA ALA D 34 -7.02 -3.98 4.29
C ALA D 34 -6.72 -2.56 3.80
N GLY D 35 -5.47 -2.33 3.40
CA GLY D 35 -5.07 -1.03 2.91
C GLY D 35 -5.23 0.10 3.91
N GLY D 36 -5.29 -0.22 5.19
CA GLY D 36 -5.38 0.80 6.22
C GLY D 36 -4.58 0.44 7.45
N ILE D 37 -4.78 1.15 8.53
CA ILE D 37 -4.11 0.87 9.79
C ILE D 37 -4.99 -0.07 10.60
N GLY D 38 -4.37 -1.08 11.21
CA GLY D 38 -5.09 -1.99 12.07
C GLY D 38 -4.51 -1.94 13.46
N ILE D 39 -5.37 -1.70 14.45
CA ILE D 39 -4.97 -1.53 15.83
C ILE D 39 -5.45 -2.72 16.63
N TYR D 40 -4.52 -3.55 17.07
CA TYR D 40 -4.83 -4.73 17.89
C TYR D 40 -4.61 -4.36 19.35
N ASP D 41 -5.70 -4.20 20.09
CA ASP D 41 -5.63 -3.99 21.54
C ASP D 41 -6.56 -4.96 22.26
N GLN D 42 -6.77 -4.74 23.56
CA GLN D 42 -7.64 -5.62 24.32
C GLN D 42 -9.08 -5.55 23.83
N GLU D 43 -9.46 -4.42 23.22
CA GLU D 43 -10.80 -4.25 22.67
C GLU D 43 -10.99 -5.00 21.35
N GLY D 44 -9.94 -5.57 20.78
CA GLY D 44 -10.05 -6.31 19.54
C GLY D 44 -9.20 -5.73 18.43
N LEU D 45 -9.79 -5.54 17.25
CA LEU D 45 -9.09 -4.98 16.10
C LEU D 45 -9.89 -3.81 15.57
N THR D 46 -9.27 -2.63 15.53
CA THR D 46 -9.89 -1.40 15.04
C THR D 46 -9.23 -0.94 13.75
N LEU D 47 -10.05 -0.52 12.79
CA LEU D 47 -9.57 -0.03 11.50
C LEU D 47 -9.49 1.48 11.51
N ALA D 48 -8.37 2.01 11.00
CA ALA D 48 -8.17 3.45 10.86
C ALA D 48 -7.85 3.78 9.41
N PRO D 49 -8.58 4.71 8.80
CA PRO D 49 -8.29 5.10 7.41
C PRO D 49 -6.99 5.89 7.32
N VAL D 50 -6.05 5.41 6.51
CA VAL D 50 -4.77 6.11 6.36
C VAL D 50 -4.89 7.32 5.45
N ALA D 51 -5.93 7.38 4.61
CA ALA D 51 -6.12 8.48 3.68
C ALA D 51 -6.16 9.81 4.43
N GLY D 52 -5.24 10.70 4.10
CA GLY D 52 -5.13 12.00 4.74
C GLY D 52 -4.99 11.86 6.24
N LEU D 53 -3.84 11.30 6.66
CA LEU D 53 -3.49 11.17 8.06
C LEU D 53 -2.21 11.96 8.29
N GLY D 54 -2.30 13.02 9.08
CA GLY D 54 -1.14 13.85 9.35
C GLY D 54 -0.09 13.15 10.19
N VAL D 55 -0.42 12.90 11.45
CA VAL D 55 0.50 12.28 12.40
C VAL D 55 -0.18 11.10 13.07
N LEU D 56 0.59 10.04 13.28
CA LEU D 56 0.17 8.86 14.02
C LEU D 56 0.99 8.83 15.31
N PHE D 57 0.33 9.10 16.44
CA PHE D 57 1.00 9.24 17.73
C PHE D 57 1.04 7.87 18.42
N LEU D 58 2.26 7.40 18.72
CA LEU D 58 2.48 6.12 19.36
C LEU D 58 2.77 6.31 20.85
N GLY D 59 1.94 5.78 21.71
CA GLY D 59 2.23 5.93 23.10
C GLY D 59 2.99 4.73 23.58
N PRO D 60 3.16 4.61 24.87
CA PRO D 60 3.89 3.46 25.36
C PRO D 60 3.16 2.16 25.11
N GLY D 61 3.91 1.09 25.04
CA GLY D 61 3.31 -0.18 24.77
C GLY D 61 2.62 -0.36 23.45
N THR D 62 3.25 0.11 22.39
CA THR D 62 2.72 -0.09 21.07
C THR D 62 3.80 -0.74 20.29
N ARG D 63 3.43 -1.60 19.39
CA ARG D 63 4.37 -2.31 18.59
C ARG D 63 3.90 -2.06 17.20
N ILE D 64 4.82 -1.71 16.31
CA ILE D 64 4.48 -1.37 14.94
C ILE D 64 5.21 -2.30 13.99
N THR D 65 4.58 -2.58 12.86
CA THR D 65 5.10 -3.51 11.87
C THR D 65 5.71 -2.77 10.70
N HIS D 66 6.67 -3.44 10.03
CA HIS D 66 7.28 -2.89 8.83
C HIS D 66 6.23 -2.51 7.79
N ALA D 67 5.17 -3.29 7.67
CA ALA D 67 4.13 -3.00 6.69
C ALA D 67 3.39 -1.71 7.04
N ALA D 68 3.15 -1.47 8.32
CA ALA D 68 2.44 -0.26 8.73
C ALA D 68 3.25 0.98 8.37
N VAL D 69 4.55 0.97 8.67
CA VAL D 69 5.37 2.12 8.33
C VAL D 69 5.51 2.25 6.82
N ARG D 70 5.56 1.13 6.09
CA ARG D 70 5.58 1.22 4.63
C ARG D 70 4.34 1.94 4.11
N LEU D 71 3.16 1.52 4.58
CA LEU D 71 1.91 2.13 4.16
C LEU D 71 1.85 3.61 4.54
N LEU D 72 2.28 3.94 5.77
CA LEU D 72 2.27 5.33 6.22
C LEU D 72 3.24 6.18 5.40
N ALA D 73 4.44 5.67 5.13
CA ALA D 73 5.41 6.39 4.32
C ALA D 73 4.86 6.62 2.92
N GLU D 74 4.18 5.63 2.36
CA GLU D 74 3.61 5.79 1.02
C GLU D 74 2.53 6.86 0.99
N ASN D 75 1.74 6.96 2.06
CA ASN D 75 0.71 8.00 2.12
C ASN D 75 1.19 9.32 2.73
N GLY D 76 2.48 9.49 2.96
CA GLY D 76 2.97 10.77 3.44
C GLY D 76 2.62 11.13 4.87
N CYS D 77 2.48 10.14 5.74
CA CYS D 77 2.18 10.36 7.15
C CYS D 77 3.45 10.33 7.99
N THR D 78 3.44 11.09 9.08
CA THR D 78 4.53 11.05 10.05
C THR D 78 4.10 10.32 11.31
N VAL D 79 5.06 9.64 11.93
CA VAL D 79 4.87 8.93 13.19
C VAL D 79 5.66 9.65 14.27
N ALA D 80 5.03 9.88 15.42
CA ALA D 80 5.66 10.55 16.55
C ALA D 80 5.61 9.62 17.74
N TRP D 81 6.78 9.10 18.14
CA TRP D 81 6.87 8.30 19.35
C TRP D 81 6.85 9.27 20.54
N VAL D 82 5.77 9.22 21.30
CA VAL D 82 5.52 10.11 22.43
C VAL D 82 5.18 9.27 23.66
N GLY D 83 5.09 9.94 24.80
CA GLY D 83 4.74 9.30 26.05
C GLY D 83 3.24 9.41 26.34
N GLU D 84 2.85 8.83 27.48
CA GLU D 84 1.45 8.74 27.84
C GLU D 84 0.82 10.13 27.90
N GLY D 85 -0.18 10.36 27.05
CA GLY D 85 -0.80 11.66 26.95
C GLY D 85 0.04 12.70 26.24
N ALA D 87 2.90 13.75 26.93
CA ALA D 87 3.61 14.60 27.88
C ALA D 87 5.09 14.70 27.58
N ARG D 88 5.65 13.68 26.93
CA ARG D 88 7.05 13.67 26.54
C ARG D 88 7.17 13.24 25.07
N PHE D 89 8.17 13.79 24.39
CA PHE D 89 8.42 13.52 22.98
C PHE D 89 9.76 12.82 22.84
N TYR D 90 9.77 11.73 22.07
CA TYR D 90 10.95 10.88 21.96
C TYR D 90 11.52 10.78 20.56
N ALA D 91 10.67 10.59 19.56
CA ALA D 91 11.13 10.46 18.20
C ALA D 91 10.04 10.70 17.20
N GLN D 92 10.43 11.16 16.04
CA GLN D 92 9.53 11.42 14.95
C GLN D 92 9.99 10.60 13.80
N GLY D 93 9.06 10.00 13.10
CA GLY D 93 9.43 9.21 11.97
C GLY D 93 8.82 9.89 10.78
N LEU D 94 9.63 10.09 9.76
CA LEU D 94 9.15 10.75 8.58
C LEU D 94 9.57 10.08 7.32
N GLY D 95 9.16 10.66 6.21
CA GLY D 95 9.42 10.09 4.93
C GLY D 95 9.89 11.10 3.94
N ASP D 96 10.26 10.61 2.77
CA ASP D 96 10.79 11.49 1.75
C ASP D 96 9.83 12.59 1.29
N THR D 97 8.55 12.32 1.26
CA THR D 97 7.59 13.29 0.82
C THR D 97 7.24 14.46 1.72
N ARG D 98 7.65 14.50 2.97
CA ARG D 98 7.23 15.62 3.80
C ARG D 98 7.76 16.94 3.33
N SER D 99 6.94 17.96 3.32
CA SER D 99 7.39 19.25 2.85
C SER D 99 8.01 20.07 3.92
N ALA D 100 8.94 20.92 3.54
CA ALA D 100 9.67 21.76 4.47
C ALA D 100 9.49 23.24 4.13
N ALA D 101 8.30 23.61 3.65
CA ALA D 101 8.03 25.03 3.44
C ALA D 101 7.77 25.78 4.74
N ARG D 102 7.01 25.17 5.66
CA ARG D 102 6.82 25.80 6.97
C ARG D 102 8.16 25.98 7.68
N PHE D 103 9.02 24.96 7.58
CA PHE D 103 10.34 25.02 8.21
C PHE D 103 11.18 26.12 7.58
N TYR D 104 11.14 26.23 6.25
CA TYR D 104 11.89 27.27 5.57
C TYR D 104 11.39 28.66 5.94
N ARG D 105 10.07 28.81 6.09
CA ARG D 105 9.52 30.10 6.49
C ARG D 105 9.95 30.46 7.90
N GLN D 106 9.91 29.50 8.81
CA GLN D 106 10.38 29.74 10.17
C GLN D 106 11.85 30.14 10.19
N ALA D 107 12.68 29.44 9.40
CA ALA D 107 14.11 29.74 9.36
C ALA D 107 14.37 31.12 8.77
N ARG D 108 13.66 31.47 7.69
CA ARG D 108 13.85 32.77 7.07
C ARG D 108 13.44 33.89 8.02
N ALA D 109 12.32 33.73 8.72
CA ALA D 109 11.94 34.71 9.73
C ALA D 109 12.97 34.79 10.85
N TRP D 110 13.51 33.64 11.26
CA TRP D 110 14.45 33.60 12.37
C TRP D 110 15.79 34.25 12.02
N ALA D 111 16.21 34.17 10.76
CA ALA D 111 17.54 34.61 10.38
C ALA D 111 17.63 36.09 10.03
N ASP D 112 16.49 36.74 9.79
CA ASP D 112 16.49 38.16 9.43
C ASP D 112 16.10 38.99 10.63
N PRO D 113 16.97 39.89 11.11
CA PRO D 113 16.69 40.62 12.35
C PRO D 113 15.33 41.30 12.37
N ALA D 114 14.89 41.88 11.25
CA ALA D 114 13.59 42.55 11.22
C ALA D 114 12.45 41.55 11.40
N LEU D 115 12.41 40.50 10.58
CA LEU D 115 11.38 39.48 10.73
C LEU D 115 11.52 38.76 12.06
N HIS D 116 12.76 38.53 12.51
CA HIS D 116 12.99 37.94 13.83
C HIS D 116 12.30 38.76 14.92
N LEU D 117 12.57 40.06 14.93
CA LEU D 117 11.95 40.96 15.91
C LEU D 117 10.44 40.96 15.78
N GLU D 118 9.93 40.94 14.54
CA GLU D 118 8.49 40.94 14.32
C GLU D 118 7.83 39.70 14.92
N VAL D 119 8.43 38.53 14.69
CA VAL D 119 7.89 37.29 15.25
C VAL D 119 8.02 37.27 16.77
N VAL D 120 9.10 37.83 17.31
CA VAL D 120 9.24 37.91 18.76
C VAL D 120 8.15 38.77 19.36
N ARG D 122 5.24 39.26 18.02
CA ARG D 122 4.06 38.42 17.91
C ARG D 122 3.94 37.48 19.10
N LEU D 123 5.04 36.81 19.46
CA LEU D 123 5.01 35.86 20.56
C LEU D 123 4.71 36.56 21.89
N TYR D 124 5.27 37.76 22.09
CA TYR D 124 5.00 38.50 23.31
C TYR D 124 3.54 38.95 23.39
N ARG D 125 2.97 39.41 22.28
CA ARG D 125 1.63 39.98 22.29
C ARG D 125 0.54 38.98 22.69
N ARG D 127 0.31 37.22 25.35
CA ARG D 127 0.37 36.98 26.79
C ARG D 127 -0.34 38.08 27.57
N PRO D 131 -3.08 43.20 26.59
CA PRO D 131 -3.41 44.62 26.66
C PRO D 131 -2.18 45.52 26.53
N LEU D 132 -1.06 44.93 26.08
CA LEU D 132 0.21 45.60 25.93
C LEU D 132 0.06 46.91 25.17
N PRO D 133 0.87 47.92 25.46
CA PRO D 133 0.72 49.23 24.79
C PRO D 133 0.95 49.12 23.29
N GLU D 134 0.71 50.23 22.60
CA GLU D 134 0.82 50.28 21.15
C GLU D 134 2.18 50.86 20.76
N GLY D 135 3.21 50.15 21.21
CA GLY D 135 4.59 50.46 20.94
C GLY D 135 5.29 50.86 22.22
N LEU D 136 5.95 49.89 22.85
CA LEU D 136 6.64 50.13 24.10
C LEU D 136 8.14 50.26 23.83
N THR D 137 8.90 50.17 24.91
CA THR D 137 10.36 50.17 24.81
C THR D 137 10.81 48.77 24.41
N LEU D 138 12.13 48.53 24.45
CA LEU D 138 12.68 47.28 23.97
C LEU D 138 13.03 46.31 25.10
N GLU D 139 13.77 46.77 26.11
CA GLU D 139 14.07 45.92 27.26
C GLU D 139 12.96 45.97 28.30
N GLN D 140 12.00 46.87 28.15
CA GLN D 140 10.92 46.98 29.12
C GLN D 140 9.92 45.84 28.96
N VAL D 141 9.69 45.37 27.73
CA VAL D 141 8.73 44.30 27.49
C VAL D 141 9.15 43.02 28.21
N ARG D 142 10.46 42.82 28.38
CA ARG D 142 10.94 41.64 29.11
C ARG D 142 10.57 41.74 30.59
N GLY D 143 10.71 42.93 31.18
CA GLY D 143 10.28 43.15 32.55
C GLY D 143 8.77 43.08 32.71
N LEU D 144 8.03 43.53 31.71
CA LEU D 144 6.58 43.43 31.75
C LEU D 144 6.11 41.97 31.69
N GLU D 145 6.75 41.14 30.86
CA GLU D 145 6.45 39.71 30.87
C GLU D 145 6.81 39.10 32.22
N GLY D 146 7.98 39.47 32.77
CA GLY D 146 8.31 39.11 34.13
C GLY D 146 7.21 39.43 35.13
N VAL D 147 6.78 40.69 35.16
CA VAL D 147 5.73 41.12 36.08
C VAL D 147 4.44 40.36 35.85
N ARG D 148 4.13 40.02 34.60
CA ARG D 148 2.93 39.21 34.34
C ARG D 148 3.06 37.86 35.02
N VAL D 149 4.20 37.20 34.83
CA VAL D 149 4.44 35.90 35.45
C VAL D 149 4.34 35.99 36.97
N ARG D 150 5.00 37.01 37.55
CA ARG D 150 5.02 37.13 39.01
C ARG D 150 3.64 37.43 39.60
N ASN D 151 2.88 38.35 39.00
CA ASN D 151 1.58 38.63 39.59
C ASN D 151 0.58 37.50 39.30
N ALA D 152 0.81 36.71 38.24
CA ALA D 152 -0.01 35.51 38.08
C ALA D 152 0.33 34.47 39.15
N TYR D 153 1.62 34.30 39.45
CA TYR D 153 2.04 33.51 40.61
C TYR D 153 1.30 33.95 41.86
N ALA D 154 1.25 35.26 42.11
CA ALA D 154 0.59 35.77 43.30
C ALA D 154 -0.91 35.49 43.26
N ARG D 155 -1.56 35.71 42.11
CA ARG D 155 -2.98 35.44 41.99
C ARG D 155 -3.30 34.00 42.33
N TRP D 156 -2.56 33.07 41.77
CA TRP D 156 -2.88 31.70 42.07
C TRP D 156 -2.42 31.28 43.45
N SER D 157 -1.44 31.97 44.00
CA SER D 157 -1.09 31.59 45.35
C SER D 157 -1.92 32.37 46.32
N ARG D 158 -2.57 33.43 45.88
CA ARG D 158 -3.40 34.16 46.82
C ARG D 158 -4.79 33.55 46.85
N GLU D 159 -5.09 32.69 45.88
CA GLU D 159 -6.35 31.99 45.87
C GLU D 159 -6.06 30.54 46.21
N THR D 160 -5.02 30.32 47.01
CA THR D 160 -4.63 28.99 47.41
C THR D 160 -3.75 28.98 48.66
N GLY D 161 -2.78 29.88 48.74
CA GLY D 161 -1.91 29.92 49.90
C GLY D 161 -0.46 29.57 49.64
N VAL D 162 0.36 29.78 50.67
CA VAL D 162 1.77 29.46 50.67
C VAL D 162 2.56 29.79 49.40
N PRO D 163 2.73 31.06 49.10
CA PRO D 163 3.52 31.35 47.91
C PRO D 163 4.97 31.39 48.28
N TRP D 164 5.37 32.52 48.84
CA TRP D 164 6.76 32.81 49.18
C TRP D 164 7.53 32.60 47.90
N TYR D 165 7.11 33.44 46.94
CA TYR D 165 7.54 33.56 45.54
C TYR D 165 6.97 32.45 44.66
N GLY D 166 7.81 31.46 44.41
CA GLY D 166 7.39 30.37 43.59
C GLY D 166 8.53 29.90 42.73
N ARG D 167 9.66 30.59 42.76
CA ARG D 167 10.74 30.15 41.90
C ARG D 167 12.02 29.87 42.66
N SER D 168 12.33 28.60 42.82
CA SER D 168 13.55 28.18 43.50
C SER D 168 13.85 26.74 43.19
N TYR D 169 14.73 26.48 42.24
CA TYR D 169 15.06 25.10 41.91
C TYR D 169 16.51 24.91 41.63
N ASP D 170 17.06 23.84 42.18
CA ASP D 170 18.44 23.50 41.96
C ASP D 170 18.30 22.34 41.07
N ARG D 171 18.97 22.38 39.94
CA ARG D 171 18.87 21.32 38.96
C ARG D 171 19.58 20.03 39.34
N GLY D 172 20.50 20.09 40.29
CA GLY D 172 21.25 18.90 40.66
C GLY D 172 20.49 17.96 41.56
N ASN D 173 19.67 18.53 42.43
CA ASN D 173 18.90 17.72 43.35
C ASN D 173 17.48 18.07 43.06
N TRP D 174 16.78 17.13 42.47
CA TRP D 174 15.39 17.33 42.12
C TRP D 174 14.62 17.63 43.37
N ARG D 175 14.79 16.77 44.36
CA ARG D 175 14.11 16.87 45.64
C ARG D 175 14.28 18.17 46.39
N ALA D 176 15.44 18.80 46.27
CA ALA D 176 15.73 20.06 46.94
C ALA D 176 14.99 21.27 46.41
N ALA D 177 13.69 21.23 46.55
CA ALA D 177 12.89 22.30 46.08
C ALA D 177 11.58 22.26 46.76
N ASP D 178 10.89 23.37 46.65
CA ASP D 178 9.61 23.53 47.25
C ASP D 178 8.65 22.62 46.56
N PRO D 179 7.70 22.12 47.31
CA PRO D 179 6.71 21.22 46.76
C PRO D 179 5.94 21.94 45.68
N VAL D 180 5.55 23.18 45.90
CA VAL D 180 4.88 23.87 44.84
C VAL D 180 5.83 24.05 43.66
N ASN D 181 7.12 24.10 43.88
CA ASN D 181 8.04 24.22 42.76
C ASN D 181 8.13 22.94 41.97
N ARG D 182 8.27 21.82 42.65
CA ARG D 182 8.41 20.55 41.95
C ARG D 182 7.20 20.27 41.07
N ALA D 183 5.99 20.58 41.56
CA ALA D 183 4.80 20.44 40.73
C ALA D 183 4.89 21.34 39.51
N LEU D 184 5.30 22.59 39.70
CA LEU D 184 5.49 23.53 38.61
C LEU D 184 6.44 22.96 37.55
N SER D 185 7.57 22.41 38.00
CA SER D 185 8.57 21.90 37.07
C SER D 185 8.05 20.69 36.30
N ALA D 186 7.34 19.79 36.99
CA ALA D 186 6.74 18.64 36.31
C ALA D 186 5.75 19.08 35.24
N GLY D 187 4.85 19.99 35.60
CA GLY D 187 3.91 20.50 34.62
C GLY D 187 4.60 21.20 33.45
N ALA D 188 5.70 21.90 33.74
CA ALA D 188 6.47 22.52 32.66
C ALA D 188 7.03 21.46 31.71
N SER D 189 7.51 20.35 32.26
CA SER D 189 7.99 19.26 31.42
C SER D 189 6.87 18.72 30.54
N TYR D 190 5.68 18.56 31.11
CA TYR D 190 4.53 18.07 30.34
C TYR D 190 4.20 19.02 29.19
N LEU D 191 4.14 20.32 29.49
CA LEU D 191 3.87 21.30 28.45
C LEU D 191 4.96 21.31 27.38
N TYR D 192 6.21 21.12 27.77
CA TYR D 192 7.29 21.06 26.79
C TYR D 192 7.14 19.85 25.89
N GLY D 193 6.77 18.71 26.46
CA GLY D 193 6.53 17.53 25.62
C GLY D 193 5.44 17.76 24.60
N LEU D 194 4.31 18.31 25.06
CA LEU D 194 3.20 18.58 24.14
C LEU D 194 3.60 19.61 23.08
N ALA D 195 4.35 20.64 23.50
CA ALA D 195 4.81 21.66 22.57
C ALA D 195 5.71 21.07 21.49
N HIS D 196 6.69 20.26 21.92
CA HIS D 196 7.58 19.58 20.98
C HIS D 196 6.77 18.74 20.00
N ALA D 197 5.80 17.98 20.51
CA ALA D 197 4.95 17.14 19.67
C ALA D 197 4.25 17.97 18.60
N ALA D 198 3.51 19.00 19.02
CA ALA D 198 2.76 19.80 18.05
C ALA D 198 3.69 20.52 17.09
N ILE D 199 4.85 20.99 17.56
CA ILE D 199 5.77 21.74 16.71
C ILE D 199 6.28 20.87 15.57
N VAL D 200 6.81 19.69 15.90
CA VAL D 200 7.40 18.88 14.83
C VAL D 200 6.34 18.15 14.02
N SER D 201 5.12 18.02 14.54
CA SER D 201 4.06 17.38 13.77
C SER D 201 3.54 18.29 12.67
N LEU D 202 3.68 19.60 12.83
CA LEU D 202 3.31 20.57 11.81
C LEU D 202 4.47 20.92 10.88
N GLY D 203 5.66 20.38 11.11
CA GLY D 203 6.79 20.61 10.23
C GLY D 203 7.68 21.78 10.59
N PHE D 204 7.61 22.29 11.82
CA PHE D 204 8.47 23.36 12.27
C PHE D 204 9.72 22.78 12.96
N SER D 205 10.61 23.67 13.37
CA SER D 205 11.82 23.26 14.09
C SER D 205 11.72 23.66 15.54
N PRO D 206 12.02 22.75 16.47
CA PRO D 206 12.08 23.14 17.88
C PRO D 206 13.29 24.01 18.21
N ALA D 207 14.35 23.96 17.38
CA ALA D 207 15.58 24.69 17.69
C ALA D 207 15.53 26.14 17.25
N LEU D 208 14.76 26.47 16.21
CA LEU D 208 14.62 27.85 15.75
C LEU D 208 13.75 28.60 16.74
N GLY D 209 14.36 28.97 17.86
CA GLY D 209 13.70 29.78 18.85
C GLY D 209 13.87 31.26 18.52
N PHE D 210 12.81 32.02 18.77
CA PHE D 210 12.83 33.46 18.58
C PHE D 210 13.04 34.16 19.90
N ILE D 211 12.38 33.68 20.94
CA ILE D 211 12.76 33.93 22.31
C ILE D 211 13.56 32.71 22.73
N HIS D 212 14.34 32.84 23.81
CA HIS D 212 15.08 31.72 24.40
C HIS D 212 16.17 31.18 23.47
N THR D 213 16.68 31.98 22.54
CA THR D 213 17.63 31.48 21.56
C THR D 213 18.84 30.85 22.25
N GLY D 214 19.36 29.77 21.65
CA GLY D 214 20.55 29.10 22.14
C GLY D 214 20.34 27.64 22.51
N LYS D 215 19.12 27.20 22.73
CA LYS D 215 18.82 25.81 23.07
C LYS D 215 18.20 25.11 21.88
N LEU D 216 18.43 23.80 21.79
CA LEU D 216 17.90 23.02 20.67
C LEU D 216 16.39 22.81 20.77
N LEU D 217 15.79 23.21 21.89
CA LEU D 217 14.34 23.16 22.08
C LEU D 217 13.78 24.53 22.43
N SER D 218 14.49 25.59 22.04
CA SER D 218 14.08 26.94 22.41
C SER D 218 12.65 27.23 21.97
N PHE D 219 12.32 26.87 20.72
CA PHE D 219 10.97 27.12 20.21
C PHE D 219 9.93 26.36 21.03
N VAL D 220 10.29 25.19 21.56
CA VAL D 220 9.39 24.44 22.44
C VAL D 220 9.02 25.28 23.65
N TYR D 221 10.02 25.88 24.29
CA TYR D 221 9.76 26.72 25.45
C TYR D 221 8.98 27.97 25.06
N ASP D 222 9.33 28.57 23.91
CA ASP D 222 8.59 29.72 23.40
C ASP D 222 7.10 29.41 23.28
N ILE D 223 6.78 28.22 22.78
CA ILE D 223 5.37 27.87 22.58
C ILE D 223 4.71 27.53 23.91
N ALA D 224 5.42 26.80 24.78
CA ALA D 224 4.83 26.39 26.04
C ALA D 224 4.53 27.59 26.94
N ASP D 225 5.37 28.63 26.88
CA ASP D 225 5.13 29.83 27.68
C ASP D 225 3.79 30.47 27.33
N LEU D 226 3.30 30.27 26.10
CA LEU D 226 2.03 30.85 25.69
C LEU D 226 0.84 30.28 26.45
N TYR D 227 1.00 29.09 27.06
CA TYR D 227 -0.08 28.42 27.76
C TYR D 227 0.28 28.07 29.19
N LYS D 228 1.50 28.39 29.65
CA LYS D 228 1.88 28.14 31.04
C LYS D 228 0.91 28.80 32.01
N ALA D 229 0.67 30.10 31.86
CA ALA D 229 -0.13 30.84 32.83
C ALA D 229 -1.59 30.42 32.84
N ASP D 230 -2.06 29.74 31.81
CA ASP D 230 -3.46 29.30 31.77
C ASP D 230 -3.64 27.85 32.19
N TYR D 231 -2.61 27.02 32.07
CA TYR D 231 -2.72 25.60 32.38
C TYR D 231 -1.80 25.16 33.50
N LEU D 232 -0.52 25.54 33.45
CA LEU D 232 0.47 24.99 34.37
C LEU D 232 0.28 25.54 35.78
N VAL D 233 0.31 26.87 35.92
CA VAL D 233 0.26 27.48 37.26
C VAL D 233 -1.00 27.07 38.05
N PRO D 234 -2.22 27.19 37.49
CA PRO D 234 -3.39 26.78 38.30
C PRO D 234 -3.38 25.31 38.66
N ALA D 235 -2.95 24.44 37.74
CA ALA D 235 -2.91 23.01 38.02
C ALA D 235 -1.92 22.71 39.14
N ALA D 236 -0.73 23.30 39.08
CA ALA D 236 0.28 23.06 40.10
C ALA D 236 -0.19 23.56 41.46
N PHE D 237 -0.75 24.78 41.50
CA PHE D 237 -1.18 25.32 42.79
C PHE D 237 -2.34 24.51 43.36
N ARG D 238 -3.29 24.08 42.53
CA ARG D 238 -4.40 23.28 43.03
C ARG D 238 -3.95 21.88 43.43
N THR D 239 -2.89 21.36 42.79
CA THR D 239 -2.37 20.05 43.18
C THR D 239 -1.68 20.14 44.53
N VAL D 240 -0.98 21.25 44.79
CA VAL D 240 -0.42 21.42 46.12
C VAL D 240 -1.53 21.70 47.13
N ALA D 241 -2.62 22.34 46.68
CA ALA D 241 -3.80 22.51 47.52
C ALA D 241 -4.45 21.18 47.86
N GLU D 242 -4.21 20.15 47.05
CA GLU D 242 -4.77 18.84 47.36
C GLU D 242 -3.97 18.17 48.47
N SER D 243 -2.66 18.06 48.30
CA SER D 243 -1.76 17.55 49.33
C SER D 243 -0.34 17.94 48.94
N GLU D 244 0.64 17.46 49.70
CA GLU D 244 2.04 17.64 49.39
C GLU D 244 2.76 16.32 49.21
N GLU D 245 2.02 15.22 49.07
CA GLU D 245 2.58 13.90 48.82
C GLU D 245 2.37 13.55 47.35
N ALA D 246 3.45 13.20 46.66
CA ALA D 246 3.43 12.85 45.25
C ALA D 246 2.68 13.90 44.44
N VAL D 247 3.28 15.09 44.40
CA VAL D 247 2.66 16.21 43.70
C VAL D 247 3.08 16.22 42.23
N GLU D 248 4.27 15.67 41.93
CA GLU D 248 4.75 15.60 40.57
C GLU D 248 3.89 14.69 39.70
N ARG D 249 3.19 13.74 40.31
CA ARG D 249 2.31 12.82 39.58
C ARG D 249 0.88 13.35 39.48
N ARG D 250 0.33 13.85 40.58
CA ARG D 250 -1.03 14.39 40.52
C ARG D 250 -1.09 15.65 39.69
N VAL D 251 -0.01 16.44 39.64
CA VAL D 251 0.00 17.60 38.76
C VAL D 251 -0.06 17.17 37.30
N ARG D 252 0.65 16.09 36.95
CA ARG D 252 0.59 15.59 35.58
C ARG D 252 -0.79 15.02 35.26
N ARG D 253 -1.39 14.32 36.22
CA ARG D 253 -2.73 13.77 36.02
C ARG D 253 -3.75 14.88 35.80
N ALA D 254 -3.76 15.88 36.68
CA ALA D 254 -4.69 17.00 36.55
C ALA D 254 -4.45 17.76 35.25
N LEU D 255 -3.18 17.91 34.85
CA LEU D 255 -2.88 18.63 33.61
C LEU D 255 -3.32 17.83 32.40
N ARG D 256 -3.17 16.50 32.42
CA ARG D 256 -3.70 15.68 31.34
C ARG D 256 -5.21 15.83 31.22
N GLU D 257 -5.91 15.75 32.36
CA GLU D 257 -7.37 15.89 32.32
C GLU D 257 -7.78 17.29 31.84
N ALA D 258 -7.01 18.32 32.19
CA ALA D 258 -7.33 19.67 31.76
C ALA D 258 -6.94 19.92 30.30
N ILE D 259 -5.98 19.16 29.77
CA ILE D 259 -5.59 19.31 28.37
C ILE D 259 -6.59 18.61 27.46
N GLN D 260 -7.07 17.44 27.88
CA GLN D 260 -8.09 16.76 27.08
C GLN D 260 -9.46 17.40 27.22
N GLU D 261 -9.70 18.16 28.27
CA GLU D 261 -10.95 18.91 28.43
C GLU D 261 -10.92 20.25 27.70
N GLY D 262 -9.76 20.72 27.27
CA GLY D 262 -9.67 21.99 26.58
C GLY D 262 -9.13 21.88 25.17
N ARG D 263 -8.69 20.67 24.79
CA ARG D 263 -8.13 20.39 23.47
C ARG D 263 -7.02 21.39 23.15
N LEU D 264 -5.98 21.37 23.99
CA LEU D 264 -4.91 22.35 23.88
C LEU D 264 -4.07 22.12 22.62
N LEU D 265 -3.99 20.87 22.13
CA LEU D 265 -3.16 20.59 20.97
C LEU D 265 -3.66 21.34 19.75
N GLU D 266 -4.97 21.38 19.54
CA GLU D 266 -5.53 22.10 18.39
C GLU D 266 -5.24 23.59 18.48
N ARG D 267 -5.41 24.18 19.67
CA ARG D 267 -5.12 25.59 19.86
C ARG D 267 -3.64 25.88 19.63
N ALA D 269 -1.53 24.19 17.71
CA ALA D 269 -1.28 24.11 16.28
C ALA D 269 -1.81 25.32 15.54
N GLU D 270 -3.02 25.77 15.89
CA GLU D 270 -3.61 26.94 15.24
C GLU D 270 -2.76 28.19 15.48
N ASP D 271 -2.34 28.41 16.73
CA ASP D 271 -1.49 29.56 17.01
C ASP D 271 -0.15 29.44 16.30
N LEU D 272 0.40 28.22 16.25
CA LEU D 272 1.66 28.00 15.54
C LEU D 272 1.52 28.34 14.06
N LEU D 273 0.37 28.03 13.47
CA LEU D 273 0.13 28.36 12.08
C LEU D 273 0.03 29.87 11.89
N ASN D 274 -0.79 30.53 12.70
CA ASN D 274 -0.96 31.98 12.57
C ASN D 274 0.32 32.74 12.91
N LEU D 275 1.26 32.12 13.63
CA LEU D 275 2.47 32.83 14.04
C LEU D 275 3.30 33.27 12.83
N PHE D 276 3.26 32.52 11.74
CA PHE D 276 4.00 32.86 10.52
C PHE D 276 3.04 33.03 9.36
N ARG D 277 2.03 33.87 9.53
CA ARG D 277 0.96 34.06 8.54
C ARG D 277 0.96 35.51 8.07
N GLY D 278 1.86 35.82 7.13
CA GLY D 278 1.96 37.15 6.58
C GLY D 278 2.97 38.05 7.26
N LEU D 279 3.99 38.47 6.51
CA LEU D 279 5.06 39.33 7.00
C LEU D 279 5.65 38.83 8.32
#